data_4M57
#
_entry.id   4M57
#
_cell.length_a   68.373
_cell.length_b   176.536
_cell.length_c   64.533
_cell.angle_alpha   90.00
_cell.angle_beta   90.00
_cell.angle_gamma   90.00
#
_symmetry.space_group_name_H-M   'P 21 21 2'
#
_entity_poly.entity_id   1
_entity_poly.type   'polypeptide(L)'
_entity_poly.pdbx_seq_one_letter_code
;SHQTPTPPHSFLSPDAQVLVLAISSHPLPTLAAFLASRRDELLRADITSLLKALELSGHWEWALALLRWAGKEGAADASA
LE(MSE)VVRALGREGQHDAVCALLDETPLPPGSRLDVRAYTTVLHALSRAGRYERALELFAELRRQGVAPTLVTYNVVL
DVYGR(MSE)GRSWPRIVALLDE(MSE)RAAGVEPDGFTASTVIAACSRDGLVDEAVAFFEDLKARGHAPSVVTYNALLQ
VFGKAGNYTEALRVLGE(MSE)EQNGCQPDAVTYNELAGTYARAGFFEEAARCLDT(MSE)ASKGLLPNAFTYNTV
(MSE)TAYGNVGKVDEALALFDQ(MSE)KKTGFVPNVNTYNLVLG(MSE)LGKKSRFTV(MSE)LE(MSE)LGE(MSE)S
RSGCTPNRVTWNT(MSE)LAVSGKRG(MSE)EDYVTRVLEG(MSE)RSSGVELSRDTYNTLIAAYGRCGSRTNAFK
(MSE)YNE(MSE)TSAGFTPCITTYNALLNVLSRQGDWSTAQSIVSK(MSE)RTKGFKPNEQSYSLLLQCYAKGGNVAGI
AAIENEVYGSGAVFPSWVILRTLVIANFKCRRLDG(MSE)ETAFQEVKARGYNPDLVIFNS(MSE)LSIYAKNG(MSE)Y
SKATEVFDSIKRSGLSPDLITYNSL(MSE)D(MSE)YAKCSESWEAEKILNQLKCSQT(MSE)KPDVVSYNTVINGFCKQ
GLVKEAQRVLSE(MSE)VADG(MSE)APCAVTYHTLVGGYSSLE(MSE)FSEAREVIGY(MSE)VQHGLKP(MSE)ELTY
RRVVESYCRAKRFEEARGFLSEVSETDLDFDKKALEAYIEDAQFGR
;
_entity_poly.pdbx_strand_id   A
#
# COMPACT_ATOMS: atom_id res chain seq x y z
N HIS A 9 -32.75 -45.30 -14.37
CA HIS A 9 -34.20 -45.43 -14.43
C HIS A 9 -34.70 -45.62 -15.87
N SER A 10 -33.91 -45.20 -16.84
CA SER A 10 -34.30 -45.22 -18.24
C SER A 10 -33.39 -46.13 -19.02
N PHE A 11 -32.53 -46.82 -18.29
CA PHE A 11 -31.58 -47.72 -18.88
C PHE A 11 -31.32 -48.88 -17.95
N LEU A 12 -31.80 -48.80 -16.71
CA LEU A 12 -31.67 -49.97 -15.85
C LEU A 12 -32.79 -50.97 -16.04
N SER A 13 -32.44 -52.26 -15.99
CA SER A 13 -33.45 -53.30 -15.90
C SER A 13 -34.25 -53.03 -14.62
N PRO A 14 -35.50 -53.48 -14.58
CA PRO A 14 -36.34 -53.14 -13.43
C PRO A 14 -35.79 -53.58 -12.08
N ASP A 15 -35.14 -54.72 -12.00
CA ASP A 15 -34.66 -55.12 -10.70
C ASP A 15 -33.58 -54.19 -10.24
N ALA A 16 -32.73 -53.80 -11.16
CA ALA A 16 -31.58 -52.95 -10.83
C ALA A 16 -32.05 -51.54 -10.45
N GLN A 17 -33.21 -51.18 -11.00
CA GLN A 17 -33.83 -49.91 -10.71
C GLN A 17 -34.31 -49.86 -9.26
N VAL A 18 -34.65 -51.03 -8.71
CA VAL A 18 -35.09 -51.07 -7.31
C VAL A 18 -33.87 -51.08 -6.41
N LEU A 19 -32.80 -51.71 -6.91
CA LEU A 19 -31.53 -51.69 -6.20
C LEU A 19 -31.03 -50.25 -6.01
N VAL A 20 -30.92 -49.52 -7.13
CA VAL A 20 -30.45 -48.13 -7.08
C VAL A 20 -31.34 -47.30 -6.18
N LEU A 21 -32.65 -47.35 -6.40
CA LEU A 21 -33.56 -46.61 -5.54
C LEU A 21 -33.45 -46.95 -4.07
N ALA A 22 -33.16 -48.21 -3.77
CA ALA A 22 -33.06 -48.66 -2.38
C ALA A 22 -31.77 -48.18 -1.74
N ILE A 23 -30.70 -48.11 -2.55
CA ILE A 23 -29.42 -47.58 -2.11
C ILE A 23 -29.47 -46.07 -1.88
N SER A 24 -30.06 -45.35 -2.82
CA SER A 24 -30.11 -43.91 -2.77
C SER A 24 -31.10 -43.38 -1.75
N SER A 25 -31.97 -44.25 -1.24
CA SER A 25 -32.87 -43.85 -0.17
C SER A 25 -32.37 -44.32 1.19
N HIS A 26 -31.14 -44.82 1.21
CA HIS A 26 -30.50 -45.22 2.45
C HIS A 26 -29.65 -44.06 2.95
N PRO A 27 -29.60 -43.84 4.27
CA PRO A 27 -28.80 -42.75 4.80
C PRO A 27 -27.31 -43.05 4.57
N LEU A 28 -26.52 -42.00 4.36
CA LEU A 28 -25.11 -42.16 4.01
C LEU A 28 -24.22 -42.87 5.05
N PRO A 29 -24.18 -42.38 6.30
CA PRO A 29 -23.18 -42.87 7.27
C PRO A 29 -23.13 -44.39 7.47
N THR A 30 -24.18 -45.09 7.08
CA THR A 30 -24.26 -46.52 7.35
C THR A 30 -24.52 -47.35 6.09
N LEU A 31 -24.40 -46.68 4.94
CA LEU A 31 -24.75 -47.29 3.67
C LEU A 31 -24.02 -48.61 3.53
N ALA A 32 -22.74 -48.56 3.89
CA ALA A 32 -21.84 -49.72 3.92
C ALA A 32 -22.57 -51.01 4.34
N ALA A 33 -23.21 -50.95 5.51
CA ALA A 33 -23.95 -52.08 6.06
C ALA A 33 -24.91 -52.64 5.04
N PHE A 34 -25.89 -51.82 4.64
CA PHE A 34 -26.88 -52.23 3.65
C PHE A 34 -26.21 -52.77 2.39
N LEU A 35 -25.12 -52.14 1.96
CA LEU A 35 -24.44 -52.58 0.76
C LEU A 35 -23.97 -54.00 0.94
N ALA A 36 -23.29 -54.23 2.07
CA ALA A 36 -22.85 -55.57 2.46
C ALA A 36 -24.03 -56.54 2.57
N SER A 37 -25.19 -56.01 2.91
CA SER A 37 -26.40 -56.81 3.05
C SER A 37 -26.88 -57.32 1.69
N ARG A 38 -26.32 -56.78 0.61
CA ARG A 38 -26.60 -57.27 -0.74
C ARG A 38 -25.33 -57.48 -1.56
N ARG A 39 -24.28 -58.00 -0.93
CA ARG A 39 -23.03 -58.26 -1.63
C ARG A 39 -23.26 -59.28 -2.73
N ASP A 40 -23.93 -60.36 -2.39
CA ASP A 40 -24.14 -61.39 -3.37
C ASP A 40 -24.88 -60.77 -4.52
N GLU A 41 -25.93 -60.03 -4.20
CA GLU A 41 -26.73 -59.34 -5.21
C GLU A 41 -25.95 -58.25 -5.95
N LEU A 42 -24.94 -57.68 -5.30
CA LEU A 42 -24.18 -56.59 -5.91
C LEU A 42 -23.06 -57.04 -6.83
N LEU A 43 -22.27 -58.01 -6.41
CA LEU A 43 -21.18 -58.47 -7.26
C LEU A 43 -21.69 -59.01 -8.61
N ARG A 44 -23.00 -59.14 -8.76
CA ARG A 44 -23.57 -59.57 -10.04
C ARG A 44 -23.99 -58.37 -10.90
N ALA A 45 -24.30 -57.26 -10.24
CA ALA A 45 -24.69 -56.06 -10.98
C ALA A 45 -23.60 -55.60 -11.96
N ASP A 46 -24.02 -54.81 -12.93
CA ASP A 46 -23.13 -53.96 -13.68
C ASP A 46 -22.99 -52.70 -12.82
N ILE A 47 -21.96 -52.69 -11.97
CA ILE A 47 -21.83 -51.68 -10.91
C ILE A 47 -21.66 -50.29 -11.50
N THR A 48 -21.24 -50.27 -12.76
CA THR A 48 -20.99 -49.05 -13.50
C THR A 48 -22.32 -48.37 -13.84
N SER A 49 -23.27 -49.15 -14.30
CA SER A 49 -24.59 -48.59 -14.53
C SER A 49 -25.18 -48.02 -13.25
N LEU A 50 -24.91 -48.67 -12.11
CA LEU A 50 -25.46 -48.26 -10.82
C LEU A 50 -24.91 -46.90 -10.41
N LEU A 51 -23.59 -46.75 -10.51
CA LEU A 51 -22.96 -45.47 -10.26
C LEU A 51 -23.52 -44.41 -11.18
N LYS A 52 -23.60 -44.72 -12.47
CA LYS A 52 -24.16 -43.77 -13.44
C LYS A 52 -25.55 -43.29 -13.03
N ALA A 53 -26.40 -44.23 -12.67
CA ALA A 53 -27.75 -43.92 -12.25
C ALA A 53 -27.72 -43.00 -11.02
N LEU A 54 -26.86 -43.31 -10.06
CA LEU A 54 -26.72 -42.45 -8.89
C LEU A 54 -26.23 -41.04 -9.23
N GLU A 55 -25.42 -40.91 -10.27
CA GLU A 55 -24.96 -39.60 -10.72
C GLU A 55 -26.10 -38.80 -11.36
N LEU A 56 -26.90 -39.48 -12.18
CA LEU A 56 -28.02 -38.87 -12.86
C LEU A 56 -29.20 -38.56 -11.92
N SER A 57 -29.15 -39.08 -10.70
CA SER A 57 -30.22 -38.75 -9.75
C SER A 57 -29.78 -37.74 -8.68
N GLY A 58 -28.48 -37.41 -8.66
CA GLY A 58 -27.97 -36.38 -7.79
C GLY A 58 -27.16 -36.95 -6.65
N HIS A 59 -27.18 -38.28 -6.55
CA HIS A 59 -26.58 -38.97 -5.40
C HIS A 59 -25.12 -39.29 -5.60
N TRP A 60 -24.34 -38.32 -6.05
CA TRP A 60 -22.91 -38.50 -6.23
C TRP A 60 -22.20 -39.03 -4.99
N GLU A 61 -22.63 -38.58 -3.81
CA GLU A 61 -21.94 -38.99 -2.59
C GLU A 61 -22.19 -40.45 -2.34
N TRP A 62 -23.37 -40.89 -2.74
CA TRP A 62 -23.73 -42.30 -2.71
C TRP A 62 -22.90 -43.04 -3.76
N ALA A 63 -22.69 -42.43 -4.92
CA ALA A 63 -21.92 -43.07 -5.98
C ALA A 63 -20.51 -43.38 -5.45
N LEU A 64 -19.86 -42.35 -4.94
CA LEU A 64 -18.58 -42.49 -4.25
C LEU A 64 -18.63 -43.57 -3.17
N ALA A 65 -19.68 -43.55 -2.35
CA ALA A 65 -19.83 -44.57 -1.30
C ALA A 65 -19.82 -46.02 -1.85
N LEU A 66 -20.59 -46.25 -2.92
CA LEU A 66 -20.70 -47.53 -3.60
C LEU A 66 -19.36 -47.94 -4.19
N LEU A 67 -18.70 -47.01 -4.88
CA LEU A 67 -17.41 -47.34 -5.48
C LEU A 67 -16.43 -47.76 -4.39
N ARG A 68 -16.34 -46.95 -3.34
CA ARG A 68 -15.46 -47.23 -2.21
C ARG A 68 -15.73 -48.59 -1.58
N TRP A 69 -17.00 -48.97 -1.51
CA TRP A 69 -17.37 -50.25 -0.91
C TRP A 69 -16.95 -51.36 -1.83
N ALA A 70 -17.30 -51.21 -3.10
CA ALA A 70 -17.04 -52.22 -4.12
C ALA A 70 -15.55 -52.43 -4.30
N GLY A 71 -14.77 -51.42 -3.94
CA GLY A 71 -13.32 -51.52 -3.99
C GLY A 71 -12.76 -52.53 -3.01
N LYS A 72 -13.31 -52.55 -1.80
CA LYS A 72 -12.88 -53.52 -0.80
C LYS A 72 -13.37 -54.94 -1.08
N GLU A 73 -14.21 -55.10 -2.10
CA GLU A 73 -14.52 -56.44 -2.61
C GLU A 73 -13.91 -56.54 -4.00
N GLY A 74 -14.35 -57.51 -4.78
CA GLY A 74 -13.85 -57.59 -6.13
C GLY A 74 -14.48 -56.51 -7.00
N ALA A 75 -15.73 -56.17 -6.66
CA ALA A 75 -16.65 -55.43 -7.54
C ALA A 75 -16.14 -54.19 -8.29
N ALA A 76 -15.07 -53.56 -7.80
CA ALA A 76 -14.51 -52.39 -8.48
C ALA A 76 -13.77 -52.72 -9.78
N ASP A 77 -13.91 -51.83 -10.77
CA ASP A 77 -13.13 -51.93 -11.99
C ASP A 77 -13.07 -50.59 -12.71
N ALA A 78 -12.24 -50.53 -13.74
CA ALA A 78 -11.87 -49.29 -14.42
C ALA A 78 -13.02 -48.39 -14.86
N SER A 79 -14.04 -48.97 -15.48
CA SER A 79 -15.16 -48.16 -15.95
C SER A 79 -15.92 -47.53 -14.78
N ALA A 80 -15.93 -48.20 -13.62
CA ALA A 80 -16.59 -47.69 -12.42
C ALA A 80 -15.86 -46.46 -11.84
N LEU A 81 -14.55 -46.59 -11.72
CA LEU A 81 -13.72 -45.48 -11.30
C LEU A 81 -13.83 -44.30 -12.24
N GLU A 82 -13.86 -44.56 -13.54
CA GLU A 82 -13.97 -43.42 -14.43
C GLU A 82 -15.35 -42.81 -14.41
N MSE A 83 -16.36 -43.62 -14.14
CA MSE A 83 -17.71 -43.09 -14.05
C MSE A 83 -17.79 -42.13 -12.88
O MSE A 83 -18.33 -41.05 -13.01
CB MSE A 83 -18.76 -44.20 -13.90
CG MSE A 83 -20.20 -43.66 -13.97
SE MSE A 83 -20.65 -43.12 -15.62
CE MSE A 83 -21.58 -41.65 -15.26
N VAL A 84 -17.23 -42.52 -11.75
CA VAL A 84 -17.28 -41.65 -10.57
C VAL A 84 -16.35 -40.43 -10.70
N VAL A 85 -15.18 -40.61 -11.30
CA VAL A 85 -14.26 -39.49 -11.50
C VAL A 85 -14.89 -38.45 -12.43
N ARG A 86 -15.51 -38.94 -13.51
CA ARG A 86 -16.23 -38.05 -14.40
C ARG A 86 -17.40 -37.38 -13.67
N ALA A 87 -18.08 -38.15 -12.81
CA ALA A 87 -19.22 -37.62 -12.07
C ALA A 87 -18.83 -36.48 -11.13
N LEU A 88 -17.92 -36.76 -10.20
CA LEU A 88 -17.46 -35.75 -9.26
C LEU A 88 -16.84 -34.56 -9.97
N GLY A 89 -16.20 -34.84 -11.11
CA GLY A 89 -15.66 -33.78 -11.94
C GLY A 89 -16.75 -32.83 -12.41
N ARG A 90 -17.78 -33.38 -13.05
CA ARG A 90 -18.91 -32.58 -13.53
C ARG A 90 -19.66 -31.93 -12.36
N GLU A 91 -19.63 -32.58 -11.22
CA GLU A 91 -20.29 -32.09 -10.03
C GLU A 91 -19.46 -31.03 -9.30
N GLY A 92 -18.23 -30.82 -9.79
CA GLY A 92 -17.31 -29.83 -9.20
C GLY A 92 -16.71 -30.21 -7.85
N GLN A 93 -16.64 -31.52 -7.58
CA GLN A 93 -16.20 -32.01 -6.28
C GLN A 93 -14.74 -32.46 -6.27
N HIS A 94 -13.84 -31.49 -6.38
CA HIS A 94 -12.42 -31.76 -6.51
C HIS A 94 -11.82 -32.37 -5.24
N ASP A 95 -12.23 -31.90 -4.07
CA ASP A 95 -11.71 -32.43 -2.82
C ASP A 95 -11.90 -33.94 -2.78
N ALA A 96 -13.14 -34.37 -2.97
CA ALA A 96 -13.46 -35.78 -2.90
C ALA A 96 -12.79 -36.60 -4.00
N VAL A 97 -12.61 -36.02 -5.19
CA VAL A 97 -11.89 -36.73 -6.24
C VAL A 97 -10.45 -36.98 -5.84
N CYS A 98 -9.76 -35.91 -5.45
CA CYS A 98 -8.38 -36.01 -4.98
C CYS A 98 -8.22 -37.07 -3.89
N ALA A 99 -9.12 -37.05 -2.91
CA ALA A 99 -9.13 -38.05 -1.86
C ALA A 99 -9.27 -39.47 -2.44
N LEU A 100 -10.22 -39.63 -3.36
CA LEU A 100 -10.48 -40.92 -3.99
C LEU A 100 -9.20 -41.44 -4.61
N LEU A 101 -8.54 -40.58 -5.40
CA LEU A 101 -7.42 -40.99 -6.22
C LEU A 101 -6.15 -41.15 -5.42
N ASP A 102 -6.11 -40.58 -4.25
CA ASP A 102 -5.01 -40.80 -3.36
C ASP A 102 -5.12 -42.14 -2.73
N GLU A 103 -6.33 -42.70 -2.76
CA GLU A 103 -6.58 -44.01 -2.18
C GLU A 103 -6.39 -45.11 -3.21
N THR A 104 -6.30 -44.69 -4.44
CA THR A 104 -6.09 -45.55 -5.54
C THR A 104 -5.00 -45.20 -6.51
N PRO A 105 -4.58 -46.24 -7.23
CA PRO A 105 -3.66 -46.12 -8.37
C PRO A 105 -4.36 -46.61 -9.63
N LEU A 106 -4.37 -45.78 -10.67
CA LEU A 106 -5.13 -46.06 -11.89
C LEU A 106 -4.73 -47.35 -12.61
N PRO A 107 -5.72 -48.06 -13.15
CA PRO A 107 -5.51 -49.25 -13.99
C PRO A 107 -4.60 -48.95 -15.18
N PRO A 108 -4.20 -50.04 -15.96
CA PRO A 108 -3.35 -49.68 -17.09
C PRO A 108 -4.00 -48.60 -17.97
N GLY A 109 -3.17 -47.79 -18.62
CA GLY A 109 -3.67 -46.74 -19.49
C GLY A 109 -4.54 -47.27 -20.59
N SER A 110 -4.39 -48.53 -20.91
CA SER A 110 -5.16 -49.12 -21.97
C SER A 110 -6.59 -48.96 -21.63
N ARG A 111 -6.90 -49.08 -20.36
CA ARG A 111 -8.28 -48.92 -19.97
C ARG A 111 -8.54 -47.53 -19.35
N LEU A 112 -7.78 -46.54 -19.81
CA LEU A 112 -8.02 -45.14 -19.46
C LEU A 112 -8.63 -44.33 -20.62
N ASP A 113 -9.45 -43.35 -20.29
CA ASP A 113 -9.95 -42.42 -21.28
C ASP A 113 -9.74 -40.99 -20.78
N VAL A 114 -8.78 -40.27 -21.37
CA VAL A 114 -8.45 -38.93 -20.88
C VAL A 114 -9.66 -38.08 -20.65
N ARG A 115 -10.66 -38.25 -21.49
CA ARG A 115 -11.80 -37.35 -21.49
C ARG A 115 -12.52 -37.30 -20.14
N ALA A 116 -12.40 -38.37 -19.36
CA ALA A 116 -13.06 -38.48 -18.06
C ALA A 116 -12.47 -37.56 -17.02
N TYR A 117 -11.31 -36.96 -17.32
CA TYR A 117 -10.55 -36.26 -16.30
C TYR A 117 -10.54 -34.75 -16.43
N THR A 118 -10.85 -34.30 -17.64
CA THR A 118 -10.90 -32.88 -17.99
C THR A 118 -11.59 -32.01 -16.94
N THR A 119 -12.88 -32.27 -16.72
CA THR A 119 -13.64 -31.52 -15.71
C THR A 119 -12.92 -31.43 -14.36
N VAL A 120 -12.41 -32.56 -13.87
CA VAL A 120 -11.71 -32.56 -12.58
C VAL A 120 -10.52 -31.62 -12.68
N LEU A 121 -9.71 -31.82 -13.72
CA LEU A 121 -8.56 -30.97 -13.95
C LEU A 121 -9.03 -29.53 -13.94
N HIS A 122 -10.09 -29.26 -14.68
CA HIS A 122 -10.55 -27.88 -14.83
C HIS A 122 -11.00 -27.36 -13.48
N ALA A 123 -11.69 -28.21 -12.73
CA ALA A 123 -12.22 -27.81 -11.42
C ALA A 123 -11.07 -27.49 -10.48
N LEU A 124 -9.95 -28.19 -10.66
CA LEU A 124 -8.81 -27.94 -9.79
C LEU A 124 -8.22 -26.60 -10.17
N SER A 125 -8.16 -26.36 -11.48
CA SER A 125 -7.55 -25.16 -11.98
C SER A 125 -8.27 -23.93 -11.46
N ARG A 126 -9.60 -24.00 -11.42
CA ARG A 126 -10.36 -22.82 -11.07
C ARG A 126 -10.37 -22.61 -9.56
N ALA A 127 -10.00 -23.66 -8.82
CA ALA A 127 -9.94 -23.52 -7.36
C ALA A 127 -8.56 -23.08 -6.87
N GLY A 128 -7.63 -22.84 -7.81
CA GLY A 128 -6.30 -22.41 -7.45
C GLY A 128 -5.46 -23.56 -6.96
N ARG A 129 -6.03 -24.77 -7.07
CA ARG A 129 -5.32 -25.98 -6.68
C ARG A 129 -4.54 -26.53 -7.87
N TYR A 130 -3.46 -25.83 -8.19
CA TYR A 130 -2.63 -26.08 -9.36
C TYR A 130 -1.68 -27.29 -9.19
N GLU A 131 -1.13 -27.45 -7.99
CA GLU A 131 -0.19 -28.53 -7.81
C GLU A 131 -0.93 -29.86 -7.91
N ARG A 132 -2.17 -29.92 -7.41
CA ARG A 132 -3.00 -31.13 -7.56
C ARG A 132 -3.37 -31.37 -9.02
N ALA A 133 -3.72 -30.31 -9.74
CA ALA A 133 -4.00 -30.40 -11.16
C ALA A 133 -2.86 -31.10 -11.88
N LEU A 134 -1.65 -30.65 -11.60
CA LEU A 134 -0.47 -31.23 -12.22
C LEU A 134 -0.08 -32.60 -11.70
N GLU A 135 -0.48 -32.96 -10.48
CA GLU A 135 -0.29 -34.33 -9.99
C GLU A 135 -1.24 -35.29 -10.69
N LEU A 136 -2.47 -34.86 -10.91
CA LEU A 136 -3.40 -35.68 -11.66
C LEU A 136 -2.90 -35.85 -13.09
N PHE A 137 -2.47 -34.76 -13.70
CA PHE A 137 -1.92 -34.85 -15.04
C PHE A 137 -0.68 -35.75 -15.10
N ALA A 138 0.22 -35.61 -14.13
CA ALA A 138 1.43 -36.43 -14.06
C ALA A 138 1.06 -37.93 -13.96
N GLU A 139 0.02 -38.20 -13.16
CA GLU A 139 -0.48 -39.54 -12.91
C GLU A 139 -1.02 -40.16 -14.19
N LEU A 140 -1.83 -39.40 -14.91
CA LEU A 140 -2.23 -39.83 -16.24
C LEU A 140 -1.04 -40.14 -17.14
N ARG A 141 -0.03 -39.27 -17.13
CA ARG A 141 1.18 -39.48 -17.94
C ARG A 141 1.90 -40.79 -17.63
N ARG A 142 2.00 -41.11 -16.35
CA ARG A 142 2.59 -42.35 -15.88
C ARG A 142 1.95 -43.62 -16.47
N GLN A 143 0.78 -43.46 -17.07
CA GLN A 143 0.04 -44.56 -17.63
C GLN A 143 0.01 -44.45 -19.14
N GLY A 144 0.84 -43.56 -19.66
CA GLY A 144 1.01 -43.44 -21.10
C GLY A 144 -0.22 -42.94 -21.81
N VAL A 145 -1.17 -42.42 -21.04
CA VAL A 145 -2.34 -41.76 -21.60
C VAL A 145 -1.94 -40.56 -22.48
N ALA A 146 -2.38 -40.58 -23.74
CA ALA A 146 -2.12 -39.46 -24.65
C ALA A 146 -3.15 -38.35 -24.42
N PRO A 147 -2.68 -37.18 -23.97
CA PRO A 147 -3.59 -36.07 -23.73
C PRO A 147 -4.26 -35.63 -25.02
N THR A 148 -5.46 -35.08 -24.95
CA THR A 148 -6.13 -34.53 -26.12
C THR A 148 -6.11 -33.00 -26.04
N LEU A 149 -6.59 -32.33 -27.10
CA LEU A 149 -6.61 -30.88 -27.19
C LEU A 149 -7.06 -30.19 -25.90
N VAL A 150 -8.26 -30.54 -25.44
CA VAL A 150 -8.83 -29.97 -24.23
C VAL A 150 -7.93 -30.15 -23.00
N THR A 151 -7.29 -31.32 -22.93
CA THR A 151 -6.39 -31.66 -21.82
C THR A 151 -5.20 -30.73 -21.84
N TYR A 152 -4.57 -30.61 -23.00
CA TYR A 152 -3.55 -29.59 -23.25
C TYR A 152 -3.96 -28.20 -22.79
N ASN A 153 -5.12 -27.74 -23.27
CA ASN A 153 -5.63 -26.42 -22.94
C ASN A 153 -5.76 -26.17 -21.45
N VAL A 154 -6.31 -27.14 -20.73
CA VAL A 154 -6.48 -26.98 -19.29
C VAL A 154 -5.12 -26.93 -18.60
N VAL A 155 -4.21 -27.79 -19.04
CA VAL A 155 -2.90 -27.86 -18.40
C VAL A 155 -2.17 -26.53 -18.59
N LEU A 156 -2.22 -26.04 -19.82
CA LEU A 156 -1.69 -24.73 -20.20
C LEU A 156 -2.23 -23.64 -19.30
N ASP A 157 -3.54 -23.65 -19.09
CA ASP A 157 -4.15 -22.70 -18.18
C ASP A 157 -3.57 -22.78 -16.78
N VAL A 158 -3.34 -23.99 -16.30
CA VAL A 158 -2.78 -24.18 -14.97
C VAL A 158 -1.40 -23.53 -14.92
N TYR A 159 -0.60 -23.78 -15.95
CA TYR A 159 0.73 -23.21 -16.00
C TYR A 159 0.68 -21.68 -16.07
N GLY A 160 -0.19 -21.16 -16.93
CA GLY A 160 -0.38 -19.73 -17.06
C GLY A 160 -0.68 -19.03 -15.76
N ARG A 161 -1.64 -19.57 -15.01
CA ARG A 161 -2.05 -19.00 -13.72
C ARG A 161 -0.95 -19.13 -12.68
N MSE A 162 -0.29 -20.27 -12.67
CA MSE A 162 0.86 -20.50 -11.80
C MSE A 162 1.91 -19.41 -11.88
O MSE A 162 2.38 -18.92 -10.86
CB MSE A 162 1.52 -21.81 -12.19
CG MSE A 162 2.12 -22.57 -11.07
SE MSE A 162 1.88 -24.29 -11.45
CE MSE A 162 1.67 -24.89 -9.79
N GLY A 163 2.29 -19.04 -13.10
CA GLY A 163 3.33 -18.04 -13.32
C GLY A 163 4.74 -18.58 -13.57
N ARG A 164 5.57 -17.74 -14.19
CA ARG A 164 6.98 -18.06 -14.39
C ARG A 164 7.16 -19.50 -14.83
N SER A 165 6.33 -19.92 -15.78
CA SER A 165 6.38 -21.28 -16.32
C SER A 165 6.47 -21.31 -17.85
N TRP A 166 7.09 -20.28 -18.42
CA TRP A 166 7.19 -20.18 -19.87
C TRP A 166 7.88 -21.37 -20.58
N PRO A 167 9.08 -21.79 -20.10
CA PRO A 167 9.73 -22.95 -20.74
C PRO A 167 8.85 -24.20 -20.77
N ARG A 168 8.11 -24.43 -19.69
CA ARG A 168 7.21 -25.58 -19.62
C ARG A 168 6.07 -25.46 -20.62
N ILE A 169 5.54 -24.25 -20.81
CA ILE A 169 4.49 -24.00 -21.78
C ILE A 169 4.97 -24.27 -23.20
N VAL A 170 6.13 -23.71 -23.51
CA VAL A 170 6.72 -23.93 -24.82
C VAL A 170 7.00 -25.42 -25.09
N ALA A 171 7.47 -26.14 -24.07
CA ALA A 171 7.65 -27.58 -24.14
C ALA A 171 6.33 -28.27 -24.43
N LEU A 172 5.29 -27.83 -23.73
CA LEU A 172 3.95 -28.37 -23.87
C LEU A 172 3.43 -28.21 -25.28
N LEU A 173 3.64 -27.04 -25.88
CA LEU A 173 3.23 -26.78 -27.26
C LEU A 173 4.06 -27.60 -28.26
N ASP A 174 5.34 -27.79 -27.93
CA ASP A 174 6.20 -28.62 -28.74
C ASP A 174 5.64 -30.04 -28.82
N GLU A 175 5.29 -30.54 -27.65
CA GLU A 175 4.71 -31.86 -27.52
C GLU A 175 3.36 -31.96 -28.24
N MSE A 176 2.57 -30.90 -28.16
CA MSE A 176 1.30 -30.78 -28.86
C MSE A 176 1.52 -30.95 -30.36
O MSE A 176 0.80 -31.71 -31.02
CB MSE A 176 0.71 -29.39 -28.59
CG MSE A 176 -0.79 -29.28 -28.29
SE MSE A 176 -1.19 -27.67 -27.55
CE MSE A 176 0.05 -27.64 -26.29
N ARG A 177 2.51 -30.25 -30.90
CA ARG A 177 2.78 -30.28 -32.34
C ARG A 177 3.28 -31.63 -32.79
N ALA A 178 4.26 -32.17 -32.07
CA ALA A 178 4.81 -33.50 -32.33
C ALA A 178 3.71 -34.58 -32.40
N ALA A 179 2.67 -34.42 -31.61
CA ALA A 179 1.58 -35.37 -31.57
C ALA A 179 0.53 -34.96 -32.58
N GLY A 180 0.89 -33.98 -33.41
CA GLY A 180 -0.01 -33.50 -34.43
C GLY A 180 -1.34 -33.03 -33.87
N VAL A 181 -1.29 -32.40 -32.70
CA VAL A 181 -2.48 -31.75 -32.15
C VAL A 181 -2.42 -30.26 -32.45
N GLU A 182 -3.41 -29.82 -33.21
CA GLU A 182 -3.41 -28.50 -33.80
C GLU A 182 -4.16 -27.55 -32.89
N PRO A 183 -3.48 -26.49 -32.42
CA PRO A 183 -4.07 -25.49 -31.52
C PRO A 183 -5.39 -24.93 -32.05
N ASP A 184 -6.32 -24.66 -31.15
CA ASP A 184 -7.59 -24.04 -31.53
C ASP A 184 -7.68 -22.63 -30.93
N GLY A 185 -8.91 -22.10 -30.81
CA GLY A 185 -9.12 -20.77 -30.24
C GLY A 185 -8.64 -20.63 -28.80
N PHE A 186 -9.09 -21.58 -27.97
CA PHE A 186 -8.74 -21.64 -26.55
C PHE A 186 -7.24 -21.81 -26.33
N THR A 187 -6.60 -22.65 -27.12
CA THR A 187 -5.14 -22.83 -27.02
C THR A 187 -4.42 -21.48 -27.09
N ALA A 188 -4.77 -20.71 -28.11
CA ALA A 188 -4.05 -19.49 -28.45
C ALA A 188 -4.34 -18.46 -27.38
N SER A 189 -5.62 -18.26 -27.11
CA SER A 189 -6.06 -17.36 -26.06
C SER A 189 -5.36 -17.64 -24.73
N THR A 190 -5.33 -18.92 -24.34
CA THR A 190 -4.71 -19.31 -23.08
C THR A 190 -3.21 -19.04 -23.04
N VAL A 191 -2.51 -19.35 -24.12
CA VAL A 191 -1.06 -19.15 -24.15
C VAL A 191 -0.72 -17.66 -24.06
N ILE A 192 -1.47 -16.88 -24.83
CA ILE A 192 -1.28 -15.43 -24.84
C ILE A 192 -1.60 -14.78 -23.50
N ALA A 193 -2.67 -15.24 -22.83
CA ALA A 193 -3.00 -14.72 -21.49
C ALA A 193 -2.00 -15.16 -20.42
N ALA A 194 -1.45 -16.35 -20.63
CA ALA A 194 -0.41 -16.89 -19.75
C ALA A 194 0.77 -15.96 -19.85
N CYS A 195 0.96 -15.40 -21.03
CA CYS A 195 1.99 -14.38 -21.24
C CYS A 195 1.67 -13.01 -20.60
N SER A 196 0.47 -12.50 -20.81
CA SER A 196 0.09 -11.21 -20.27
C SER A 196 0.23 -11.19 -18.78
N ARG A 197 -0.12 -12.27 -18.12
CA ARG A 197 -0.06 -12.33 -16.67
C ARG A 197 1.31 -11.92 -16.15
N ASP A 198 2.36 -12.37 -16.84
CA ASP A 198 3.70 -12.12 -16.35
C ASP A 198 4.40 -10.90 -16.96
N GLY A 199 4.06 -10.58 -18.20
CA GLY A 199 4.67 -9.46 -18.88
C GLY A 199 5.63 -10.00 -19.92
N LEU A 200 5.40 -11.25 -20.28
CA LEU A 200 6.15 -11.90 -21.33
C LEU A 200 5.73 -11.32 -22.68
N VAL A 201 6.11 -10.07 -22.94
CA VAL A 201 5.62 -9.35 -24.11
C VAL A 201 6.20 -9.90 -25.44
N ASP A 202 7.51 -9.89 -25.58
CA ASP A 202 8.15 -10.36 -26.80
C ASP A 202 7.86 -11.84 -27.09
N GLU A 203 7.69 -12.62 -26.03
CA GLU A 203 7.32 -14.03 -26.10
C GLU A 203 5.90 -14.22 -26.64
N ALA A 204 4.98 -13.39 -26.17
CA ALA A 204 3.61 -13.42 -26.67
C ALA A 204 3.57 -13.03 -28.13
N VAL A 205 4.31 -11.97 -28.49
CA VAL A 205 4.34 -11.49 -29.87
C VAL A 205 4.91 -12.56 -30.80
N ALA A 206 5.95 -13.23 -30.32
CA ALA A 206 6.58 -14.32 -31.04
C ALA A 206 5.61 -15.47 -31.29
N PHE A 207 4.90 -15.85 -30.23
CA PHE A 207 3.95 -16.93 -30.32
C PHE A 207 2.88 -16.57 -31.35
N PHE A 208 2.33 -15.38 -31.23
CA PHE A 208 1.27 -14.92 -32.13
C PHE A 208 1.74 -15.03 -33.59
N GLU A 209 2.96 -14.56 -33.84
CA GLU A 209 3.57 -14.64 -35.16
C GLU A 209 3.63 -16.08 -35.67
N ASP A 210 4.21 -16.98 -34.87
CA ASP A 210 4.26 -18.40 -35.23
C ASP A 210 2.87 -18.90 -35.63
N LEU A 211 1.92 -18.71 -34.73
CA LEU A 211 0.51 -19.05 -34.91
C LEU A 211 -0.04 -18.56 -36.26
N LYS A 212 0.47 -17.42 -36.71
CA LYS A 212 0.03 -16.81 -37.98
C LYS A 212 0.73 -17.46 -39.18
N ALA A 213 2.06 -17.61 -39.08
CA ALA A 213 2.87 -18.22 -40.13
C ALA A 213 2.39 -19.65 -40.42
N ARG A 214 2.02 -20.38 -39.38
CA ARG A 214 1.49 -21.71 -39.56
C ARG A 214 0.06 -21.66 -40.10
N GLY A 215 -0.34 -20.49 -40.59
CA GLY A 215 -1.60 -20.34 -41.29
C GLY A 215 -2.85 -20.62 -40.48
N HIS A 216 -2.79 -20.31 -39.19
CA HIS A 216 -3.98 -20.40 -38.36
C HIS A 216 -4.64 -19.03 -38.39
N ALA A 217 -5.98 -18.99 -38.28
CA ALA A 217 -6.73 -17.74 -38.39
C ALA A 217 -7.23 -17.22 -37.04
N PRO A 218 -6.52 -16.21 -36.48
CA PRO A 218 -6.80 -15.62 -35.16
C PRO A 218 -8.22 -15.05 -35.08
N SER A 219 -8.92 -15.32 -33.99
CA SER A 219 -10.27 -14.77 -33.82
C SER A 219 -10.32 -13.66 -32.77
N VAL A 220 -11.48 -13.05 -32.61
CA VAL A 220 -11.70 -12.03 -31.61
C VAL A 220 -11.04 -12.35 -30.25
N VAL A 221 -11.04 -13.62 -29.89
CA VAL A 221 -10.62 -14.04 -28.57
C VAL A 221 -9.12 -13.83 -28.39
N THR A 222 -8.38 -14.14 -29.44
CA THR A 222 -6.94 -14.13 -29.38
C THR A 222 -6.47 -12.70 -29.52
N TYR A 223 -7.16 -11.92 -30.35
CA TYR A 223 -6.86 -10.51 -30.51
C TYR A 223 -7.08 -9.80 -29.18
N ASN A 224 -8.25 -10.00 -28.59
CA ASN A 224 -8.58 -9.46 -27.27
C ASN A 224 -7.57 -9.88 -26.19
N ALA A 225 -7.00 -11.06 -26.34
CA ALA A 225 -5.98 -11.51 -25.39
C ALA A 225 -4.67 -10.77 -25.58
N LEU A 226 -4.28 -10.61 -26.84
CA LEU A 226 -3.06 -9.89 -27.23
C LEU A 226 -3.11 -8.45 -26.73
N LEU A 227 -4.27 -7.85 -26.95
CA LEU A 227 -4.60 -6.55 -26.40
C LEU A 227 -4.41 -6.53 -24.91
N GLN A 228 -4.86 -7.56 -24.19
CA GLN A 228 -4.55 -7.61 -22.74
C GLN A 228 -3.05 -7.61 -22.40
N VAL A 229 -2.24 -8.34 -23.15
CA VAL A 229 -0.79 -8.36 -22.89
C VAL A 229 -0.16 -6.97 -23.03
N PHE A 230 -0.45 -6.31 -24.14
CA PHE A 230 0.08 -4.97 -24.34
C PHE A 230 -0.56 -3.96 -23.38
N GLY A 231 -1.79 -4.23 -22.97
CA GLY A 231 -2.48 -3.35 -22.05
C GLY A 231 -1.82 -3.37 -20.68
N LYS A 232 -1.53 -4.57 -20.19
CA LYS A 232 -0.88 -4.71 -18.90
C LYS A 232 0.57 -4.27 -18.96
N ALA A 233 1.18 -4.32 -20.15
CA ALA A 233 2.57 -3.93 -20.27
C ALA A 233 2.74 -2.41 -20.36
N GLY A 234 1.69 -1.75 -20.83
CA GLY A 234 1.78 -0.31 -21.03
C GLY A 234 2.46 -0.06 -22.35
N ASN A 235 2.39 -1.06 -23.22
CA ASN A 235 2.96 -0.96 -24.55
C ASN A 235 1.97 -0.36 -25.55
N TYR A 236 2.08 0.94 -25.78
CA TYR A 236 1.06 1.68 -26.49
C TYR A 236 1.08 1.36 -27.98
N THR A 237 2.22 1.65 -28.60
CA THR A 237 2.41 1.44 -30.03
C THR A 237 1.92 0.06 -30.51
N GLU A 238 2.45 -0.98 -29.86
CA GLU A 238 2.12 -2.35 -30.25
C GLU A 238 0.61 -2.68 -30.10
N ALA A 239 -0.03 -2.08 -29.10
CA ALA A 239 -1.46 -2.27 -28.89
C ALA A 239 -2.24 -1.65 -30.03
N LEU A 240 -1.80 -0.47 -30.46
CA LEU A 240 -2.49 0.16 -31.58
C LEU A 240 -2.31 -0.70 -32.84
N ARG A 241 -1.19 -1.39 -32.97
CA ARG A 241 -1.04 -2.26 -34.13
C ARG A 241 -1.99 -3.41 -34.05
N VAL A 242 -2.06 -4.05 -32.90
CA VAL A 242 -3.06 -5.10 -32.71
C VAL A 242 -4.48 -4.64 -33.08
N LEU A 243 -4.88 -3.46 -32.62
CA LEU A 243 -6.19 -2.93 -33.02
C LEU A 243 -6.31 -2.82 -34.54
N GLY A 244 -5.24 -2.35 -35.18
CA GLY A 244 -5.24 -2.21 -36.62
C GLY A 244 -5.42 -3.56 -37.31
N GLU A 245 -4.71 -4.58 -36.81
CA GLU A 245 -4.87 -5.93 -37.34
C GLU A 245 -6.28 -6.47 -37.16
N MSE A 246 -6.87 -6.28 -35.99
CA MSE A 246 -8.27 -6.62 -35.77
C MSE A 246 -9.13 -6.00 -36.87
O MSE A 246 -9.99 -6.68 -37.44
CB MSE A 246 -8.75 -6.12 -34.41
CG MSE A 246 -8.14 -6.83 -33.23
SE MSE A 246 -8.61 -6.16 -31.64
CE MSE A 246 -10.30 -6.71 -31.46
N GLU A 247 -8.90 -4.72 -37.17
CA GLU A 247 -9.66 -4.03 -38.21
C GLU A 247 -9.51 -4.70 -39.57
N GLN A 248 -8.25 -4.87 -39.99
CA GLN A 248 -7.97 -5.51 -41.28
C GLN A 248 -8.51 -6.94 -41.41
N ASN A 249 -8.41 -7.73 -40.34
CA ASN A 249 -8.73 -9.15 -40.40
C ASN A 249 -10.07 -9.48 -39.75
N GLY A 250 -11.13 -8.79 -40.15
CA GLY A 250 -12.47 -9.23 -39.83
C GLY A 250 -13.14 -8.75 -38.55
N CYS A 251 -12.40 -8.77 -37.44
CA CYS A 251 -12.97 -8.43 -36.13
C CYS A 251 -13.52 -6.99 -36.03
N GLN A 252 -12.65 -5.99 -36.02
CA GLN A 252 -13.07 -4.58 -36.01
C GLN A 252 -13.42 -3.97 -34.67
N PRO A 253 -12.43 -3.36 -34.04
CA PRO A 253 -12.57 -2.86 -32.66
C PRO A 253 -13.93 -2.21 -32.37
N ASP A 254 -14.36 -2.37 -31.13
CA ASP A 254 -15.67 -1.95 -30.69
C ASP A 254 -15.57 -0.76 -29.77
N ALA A 255 -16.69 -0.41 -29.13
CA ALA A 255 -16.65 0.48 -28.00
C ALA A 255 -16.22 -0.39 -26.84
N VAL A 256 -16.54 -1.66 -26.95
CA VAL A 256 -16.19 -2.60 -25.91
C VAL A 256 -14.68 -2.80 -25.88
N THR A 257 -14.09 -2.93 -27.07
CA THR A 257 -12.66 -3.17 -27.16
C THR A 257 -11.86 -2.03 -26.54
N TYR A 258 -12.16 -0.80 -26.97
CA TYR A 258 -11.51 0.40 -26.47
C TYR A 258 -11.76 0.62 -25.00
N ASN A 259 -12.97 0.33 -24.55
CA ASN A 259 -13.23 0.46 -23.13
C ASN A 259 -12.38 -0.47 -22.31
N GLU A 260 -12.25 -1.72 -22.76
CA GLU A 260 -11.43 -2.66 -22.03
C GLU A 260 -9.94 -2.31 -22.08
N LEU A 261 -9.50 -1.72 -23.19
CA LEU A 261 -8.12 -1.30 -23.35
C LEU A 261 -7.75 -0.17 -22.40
N ALA A 262 -8.47 0.94 -22.54
CA ALA A 262 -8.29 2.07 -21.68
C ALA A 262 -8.30 1.56 -20.25
N GLY A 263 -9.31 0.76 -19.92
CA GLY A 263 -9.45 0.22 -18.59
C GLY A 263 -8.28 -0.60 -18.12
N THR A 264 -7.67 -1.34 -19.02
CA THR A 264 -6.61 -2.25 -18.65
C THR A 264 -5.31 -1.48 -18.41
N TYR A 265 -5.06 -0.49 -19.27
CA TYR A 265 -3.95 0.43 -19.06
C TYR A 265 -4.11 1.08 -17.68
N ALA A 266 -5.24 1.73 -17.48
CA ALA A 266 -5.53 2.40 -16.21
C ALA A 266 -5.38 1.50 -14.98
N ARG A 267 -5.94 0.31 -14.98
CA ARG A 267 -5.74 -0.59 -13.86
C ARG A 267 -4.28 -1.07 -13.72
N ALA A 268 -3.50 -1.00 -14.80
CA ALA A 268 -2.10 -1.44 -14.75
C ALA A 268 -1.20 -0.31 -14.28
N GLY A 269 -1.75 0.89 -14.24
CA GLY A 269 -1.01 2.02 -13.73
C GLY A 269 -0.68 3.04 -14.80
N PHE A 270 -0.99 2.72 -16.05
CA PHE A 270 -0.62 3.59 -17.17
C PHE A 270 -1.75 4.48 -17.61
N PHE A 271 -1.92 5.57 -16.87
CA PHE A 271 -3.01 6.50 -17.05
C PHE A 271 -2.83 7.34 -18.28
N GLU A 272 -1.60 7.68 -18.63
CA GLU A 272 -1.39 8.62 -19.71
C GLU A 272 -1.86 7.91 -20.96
N GLU A 273 -1.55 6.62 -21.01
CA GLU A 273 -1.99 5.74 -22.07
C GLU A 273 -3.50 5.65 -22.13
N ALA A 274 -4.10 5.24 -21.02
CA ALA A 274 -5.54 5.18 -20.87
C ALA A 274 -6.26 6.45 -21.36
N ALA A 275 -5.77 7.62 -20.96
CA ALA A 275 -6.33 8.89 -21.37
C ALA A 275 -6.12 9.15 -22.86
N ARG A 276 -5.01 8.66 -23.40
CA ARG A 276 -4.78 8.75 -24.85
C ARG A 276 -5.88 7.94 -25.55
N CYS A 277 -6.21 6.80 -24.95
CA CYS A 277 -7.25 5.95 -25.47
C CYS A 277 -8.59 6.64 -25.49
N LEU A 278 -9.03 7.15 -24.34
CA LEU A 278 -10.27 7.92 -24.26
C LEU A 278 -10.29 9.04 -25.27
N ASP A 279 -9.12 9.61 -25.53
CA ASP A 279 -8.96 10.65 -26.54
C ASP A 279 -9.37 10.09 -27.90
N THR A 280 -8.79 8.95 -28.26
CA THR A 280 -9.10 8.29 -29.55
C THR A 280 -10.55 7.90 -29.71
N MSE A 281 -11.12 7.30 -28.66
CA MSE A 281 -12.54 6.98 -28.63
C MSE A 281 -13.32 8.23 -28.95
O MSE A 281 -14.08 8.26 -29.92
CB MSE A 281 -12.95 6.45 -27.26
CG MSE A 281 -12.21 5.20 -26.85
SE MSE A 281 -12.74 4.58 -25.25
CE MSE A 281 -14.42 4.10 -25.63
N ALA A 282 -13.08 9.28 -28.16
CA ALA A 282 -13.68 10.59 -28.39
C ALA A 282 -13.60 11.03 -29.85
N SER A 283 -12.45 10.84 -30.49
CA SER A 283 -12.31 11.23 -31.90
C SER A 283 -13.02 10.28 -32.88
N LYS A 284 -13.36 9.08 -32.43
CA LYS A 284 -13.89 8.06 -33.32
C LYS A 284 -15.37 7.83 -33.11
N GLY A 285 -15.95 8.67 -32.28
CA GLY A 285 -17.38 8.58 -31.99
C GLY A 285 -17.66 7.37 -31.14
N LEU A 286 -16.71 6.99 -30.32
CA LEU A 286 -16.86 5.85 -29.45
C LEU A 286 -17.23 6.29 -28.05
N LEU A 287 -18.20 5.59 -27.47
CA LEU A 287 -18.77 5.95 -26.16
C LEU A 287 -18.02 5.27 -25.01
N PRO A 288 -17.38 6.06 -24.16
CA PRO A 288 -16.76 5.45 -22.97
C PRO A 288 -17.79 4.99 -21.95
N ASN A 289 -17.41 4.03 -21.11
CA ASN A 289 -18.27 3.53 -20.06
C ASN A 289 -18.48 4.52 -18.92
N ALA A 290 -18.74 4.00 -17.74
CA ALA A 290 -18.70 4.79 -16.54
C ALA A 290 -17.53 4.22 -15.78
N PHE A 291 -17.52 2.89 -15.71
CA PHE A 291 -16.50 2.13 -15.02
C PHE A 291 -15.10 2.44 -15.55
N THR A 292 -14.99 2.69 -16.85
CA THR A 292 -13.67 2.98 -17.39
C THR A 292 -13.26 4.40 -17.00
N TYR A 293 -14.19 5.34 -17.11
CA TYR A 293 -13.99 6.72 -16.63
C TYR A 293 -13.49 6.68 -15.20
N ASN A 294 -14.12 5.85 -14.38
CA ASN A 294 -13.77 5.76 -12.98
C ASN A 294 -12.40 5.16 -12.79
N THR A 295 -12.05 4.25 -13.68
CA THR A 295 -10.81 3.50 -13.57
C THR A 295 -9.62 4.41 -13.91
N VAL A 296 -9.81 5.25 -14.92
CA VAL A 296 -8.79 6.25 -15.27
C VAL A 296 -8.69 7.29 -14.16
N MSE A 297 -9.82 7.63 -13.55
CA MSE A 297 -9.79 8.54 -12.42
C MSE A 297 -9.08 7.94 -11.21
O MSE A 297 -8.48 8.67 -10.41
CB MSE A 297 -11.19 9.02 -12.03
CG MSE A 297 -11.66 10.30 -12.73
SE MSE A 297 -13.43 10.50 -12.47
CE MSE A 297 -13.56 9.74 -10.87
N THR A 298 -9.16 6.63 -11.03
CA THR A 298 -8.42 5.98 -9.93
C THR A 298 -6.94 5.86 -10.31
N ALA A 299 -6.64 5.86 -11.60
CA ALA A 299 -5.24 5.80 -12.00
C ALA A 299 -4.59 7.14 -11.65
N TYR A 300 -5.13 8.21 -12.23
CA TYR A 300 -4.73 9.57 -11.87
C TYR A 300 -4.76 9.78 -10.34
N GLY A 301 -5.78 9.22 -9.71
CA GLY A 301 -5.91 9.21 -8.27
C GLY A 301 -4.67 8.64 -7.61
N ASN A 302 -4.59 7.31 -7.55
CA ASN A 302 -3.45 6.64 -6.93
C ASN A 302 -2.14 7.41 -7.16
N VAL A 303 -1.71 7.49 -8.41
CA VAL A 303 -0.49 8.19 -8.76
C VAL A 303 -0.40 9.54 -8.06
N GLY A 304 -1.56 10.07 -7.66
CA GLY A 304 -1.61 11.35 -6.99
C GLY A 304 -2.32 12.41 -7.80
N LYS A 305 -2.24 12.29 -9.11
CA LYS A 305 -2.89 13.24 -10.02
C LYS A 305 -4.37 13.40 -9.69
N VAL A 306 -4.69 14.43 -8.92
CA VAL A 306 -6.07 14.70 -8.54
C VAL A 306 -6.75 15.63 -9.52
N ASP A 307 -6.15 16.80 -9.73
CA ASP A 307 -6.70 17.79 -10.65
C ASP A 307 -7.15 17.14 -11.96
N GLU A 308 -6.25 16.36 -12.56
CA GLU A 308 -6.56 15.68 -13.83
C GLU A 308 -7.65 14.62 -13.68
N ALA A 309 -7.75 14.02 -12.49
CA ALA A 309 -8.89 13.20 -12.11
C ALA A 309 -10.15 14.05 -12.20
N LEU A 310 -10.13 15.21 -11.58
CA LEU A 310 -11.32 16.05 -11.53
C LEU A 310 -11.63 16.63 -12.90
N ALA A 311 -10.60 16.90 -13.70
CA ALA A 311 -10.84 17.39 -15.06
C ALA A 311 -11.60 16.32 -15.82
N LEU A 312 -11.19 15.07 -15.59
CA LEU A 312 -11.83 13.92 -16.18
C LEU A 312 -13.25 13.76 -15.68
N PHE A 313 -13.49 14.16 -14.43
CA PHE A 313 -14.81 14.06 -13.83
C PHE A 313 -15.75 15.05 -14.48
N ASP A 314 -15.29 16.28 -14.62
CA ASP A 314 -16.05 17.28 -15.36
C ASP A 314 -16.37 16.79 -16.74
N GLN A 315 -15.40 16.16 -17.40
CA GLN A 315 -15.63 15.59 -18.73
C GLN A 315 -16.77 14.58 -18.67
N MSE A 316 -16.65 13.65 -17.72
CA MSE A 316 -17.66 12.63 -17.48
C MSE A 316 -19.07 13.21 -17.31
O MSE A 316 -20.04 12.68 -17.85
CB MSE A 316 -17.27 11.77 -16.26
CG MSE A 316 -18.37 10.81 -15.77
SE MSE A 316 -17.86 9.69 -14.43
CE MSE A 316 -19.46 9.09 -13.88
N LYS A 317 -19.17 14.31 -16.56
CA LYS A 317 -20.45 14.99 -16.31
C LYS A 317 -20.96 15.79 -17.51
N LYS A 318 -20.04 16.36 -18.28
CA LYS A 318 -20.40 17.15 -19.45
C LYS A 318 -21.15 16.30 -20.46
N THR A 319 -20.63 15.11 -20.72
CA THR A 319 -21.27 14.16 -21.64
C THR A 319 -22.54 13.56 -21.05
N GLY A 320 -23.24 14.34 -20.24
CA GLY A 320 -24.55 13.95 -19.73
C GLY A 320 -24.60 12.78 -18.77
N PHE A 321 -23.50 12.05 -18.62
CA PHE A 321 -23.44 10.98 -17.64
C PHE A 321 -23.87 11.45 -16.28
N VAL A 322 -24.75 10.71 -15.64
CA VAL A 322 -25.11 11.09 -14.28
C VAL A 322 -24.45 10.16 -13.24
N PRO A 323 -23.46 10.67 -12.50
CA PRO A 323 -22.70 9.79 -11.62
C PRO A 323 -23.48 9.37 -10.38
N ASN A 324 -23.17 8.20 -9.85
CA ASN A 324 -23.84 7.76 -8.64
C ASN A 324 -23.02 7.84 -7.35
N VAL A 325 -23.62 7.32 -6.29
CA VAL A 325 -23.03 7.34 -4.96
C VAL A 325 -21.61 6.76 -4.94
N ASN A 326 -21.37 5.71 -5.72
CA ASN A 326 -20.08 5.04 -5.64
C ASN A 326 -19.02 5.84 -6.35
N THR A 327 -19.42 6.53 -7.40
CA THR A 327 -18.51 7.36 -8.15
C THR A 327 -18.13 8.57 -7.33
N TYR A 328 -19.10 9.16 -6.65
CA TYR A 328 -18.84 10.29 -5.75
C TYR A 328 -18.04 9.87 -4.54
N ASN A 329 -18.29 8.68 -4.01
CA ASN A 329 -17.50 8.10 -2.90
C ASN A 329 -16.06 7.82 -3.31
N LEU A 330 -15.91 7.51 -4.59
CA LEU A 330 -14.61 7.23 -5.15
C LEU A 330 -13.81 8.51 -5.22
N VAL A 331 -14.38 9.52 -5.87
CA VAL A 331 -13.70 10.80 -5.94
C VAL A 331 -13.45 11.36 -4.53
N LEU A 332 -14.43 11.23 -3.66
CA LEU A 332 -14.27 11.68 -2.28
C LEU A 332 -13.08 11.03 -1.56
N GLY A 333 -12.97 9.71 -1.62
CA GLY A 333 -11.81 9.07 -1.01
C GLY A 333 -10.52 9.55 -1.64
N MSE A 334 -10.54 9.78 -2.93
CA MSE A 334 -9.37 10.26 -3.59
C MSE A 334 -8.98 11.54 -2.98
O MSE A 334 -7.81 11.68 -2.70
CB MSE A 334 -9.79 10.60 -4.98
CG MSE A 334 -8.73 10.59 -6.06
SE MSE A 334 -9.62 9.75 -7.58
CE MSE A 334 -9.63 7.98 -6.75
N LEU A 335 -9.91 12.46 -2.77
CA LEU A 335 -9.58 13.77 -2.22
C LEU A 335 -9.18 13.65 -0.74
N GLY A 336 -9.73 12.64 -0.08
CA GLY A 336 -9.45 12.43 1.33
C GLY A 336 -7.99 12.10 1.49
N LYS A 337 -7.48 11.29 0.56
CA LYS A 337 -6.07 10.92 0.55
C LYS A 337 -5.20 12.16 0.67
N LYS A 338 -5.45 13.14 -0.21
CA LYS A 338 -4.68 14.40 -0.14
C LYS A 338 -4.97 15.10 1.20
N SER A 339 -6.07 15.86 1.23
CA SER A 339 -6.73 16.40 2.43
C SER A 339 -7.59 17.59 2.02
N ARG A 340 -8.10 17.53 0.78
CA ARG A 340 -8.64 18.69 0.11
C ARG A 340 -9.96 19.30 0.66
N PHE A 341 -10.27 19.01 1.93
CA PHE A 341 -11.25 19.73 2.75
C PHE A 341 -12.35 20.54 2.03
N THR A 342 -11.93 21.58 1.30
CA THR A 342 -12.90 22.46 0.67
C THR A 342 -13.58 21.81 -0.55
N VAL A 343 -12.81 21.25 -1.47
CA VAL A 343 -13.41 20.58 -2.62
C VAL A 343 -14.14 19.30 -2.23
N MSE A 344 -13.72 18.68 -1.13
CA MSE A 344 -14.51 17.62 -0.54
C MSE A 344 -15.93 18.12 -0.24
O MSE A 344 -16.93 17.51 -0.64
CB MSE A 344 -13.82 17.04 0.69
CG MSE A 344 -12.43 16.48 0.41
SE MSE A 344 -11.72 15.45 1.71
CE MSE A 344 -12.93 14.14 1.86
N LEU A 345 -16.02 19.26 0.44
CA LEU A 345 -17.31 19.82 0.83
C LEU A 345 -18.11 20.29 -0.38
N GLU A 346 -17.40 20.77 -1.40
CA GLU A 346 -18.05 21.22 -2.62
C GLU A 346 -18.69 20.05 -3.34
N MSE A 347 -17.99 18.91 -3.31
CA MSE A 347 -18.52 17.68 -3.91
C MSE A 347 -19.71 17.15 -3.14
O MSE A 347 -20.68 16.74 -3.75
CB MSE A 347 -17.43 16.60 -3.99
CG MSE A 347 -16.35 16.94 -4.98
SE MSE A 347 -16.85 16.44 -6.61
CE MSE A 347 -16.74 14.70 -6.35
N LEU A 348 -19.63 17.14 -1.82
CA LEU A 348 -20.77 16.69 -1.01
C LEU A 348 -21.98 17.59 -1.24
N GLY A 349 -21.74 18.89 -1.31
CA GLY A 349 -22.77 19.81 -1.76
C GLY A 349 -23.33 19.41 -3.10
N GLU A 350 -22.45 18.94 -3.98
CA GLU A 350 -22.81 18.56 -5.34
C GLU A 350 -23.65 17.29 -5.43
N MSE A 351 -23.40 16.34 -4.54
CA MSE A 351 -24.15 15.10 -4.48
C MSE A 351 -25.60 15.36 -4.09
O MSE A 351 -26.53 15.00 -4.82
CB MSE A 351 -23.52 14.11 -3.51
CG MSE A 351 -22.33 13.34 -4.08
SE MSE A 351 -21.26 12.67 -2.78
CE MSE A 351 -22.46 11.83 -1.76
N SER A 352 -25.79 16.00 -2.95
CA SER A 352 -27.13 16.34 -2.47
C SER A 352 -27.96 16.94 -3.61
N ARG A 353 -27.45 18.04 -4.14
CA ARG A 353 -28.13 18.75 -5.19
C ARG A 353 -28.11 17.87 -6.39
N SER A 354 -26.96 17.31 -6.68
CA SER A 354 -26.90 16.40 -7.79
C SER A 354 -28.22 15.66 -7.74
N GLY A 355 -28.37 14.74 -6.81
CA GLY A 355 -29.59 13.97 -6.75
C GLY A 355 -29.53 12.67 -5.99
N CYS A 356 -28.33 12.27 -5.60
CA CYS A 356 -28.18 11.05 -4.82
C CYS A 356 -27.71 11.41 -3.46
N THR A 357 -27.86 10.49 -2.51
CA THR A 357 -27.75 10.81 -1.11
C THR A 357 -26.59 10.00 -0.55
N PRO A 358 -25.78 10.61 0.30
CA PRO A 358 -24.64 9.89 0.87
C PRO A 358 -25.07 8.72 1.75
N ASN A 359 -24.37 7.60 1.61
CA ASN A 359 -24.55 6.45 2.49
C ASN A 359 -23.44 6.41 3.52
N ARG A 360 -23.41 5.36 4.32
CA ARG A 360 -22.42 5.24 5.37
C ARG A 360 -21.00 5.22 4.86
N VAL A 361 -20.83 4.79 3.62
CA VAL A 361 -19.48 4.77 3.04
C VAL A 361 -18.98 6.18 2.76
N THR A 362 -19.87 7.03 2.27
CA THR A 362 -19.54 8.45 2.12
C THR A 362 -19.08 9.07 3.44
N TRP A 363 -19.86 8.85 4.49
CA TRP A 363 -19.56 9.45 5.79
C TRP A 363 -18.22 8.94 6.27
N ASN A 364 -18.12 7.62 6.37
CA ASN A 364 -16.87 7.02 6.79
C ASN A 364 -15.68 7.49 5.95
N THR A 365 -15.95 7.89 4.71
CA THR A 365 -14.91 8.36 3.80
C THR A 365 -14.45 9.78 4.12
N MSE A 366 -15.39 10.69 4.31
CA MSE A 366 -15.05 12.07 4.58
C MSE A 366 -14.39 12.19 5.95
O MSE A 366 -13.50 13.00 6.15
CB MSE A 366 -16.29 12.97 4.50
CG MSE A 366 -17.08 12.74 3.24
SE MSE A 366 -18.01 14.15 2.66
CE MSE A 366 -16.80 14.92 1.62
N LEU A 367 -14.82 11.36 6.90
CA LEU A 367 -14.28 11.44 8.25
C LEU A 367 -12.97 10.66 8.42
N ALA A 368 -12.58 9.93 7.38
CA ALA A 368 -11.30 9.24 7.41
C ALA A 368 -10.24 10.11 6.75
N VAL A 369 -10.08 11.32 7.27
CA VAL A 369 -8.98 12.18 6.86
C VAL A 369 -8.19 12.41 8.13
N SER A 370 -6.98 12.90 8.01
CA SER A 370 -6.33 13.47 9.15
C SER A 370 -5.67 14.64 8.54
N GLY A 371 -4.97 15.43 9.34
CA GLY A 371 -4.15 16.45 8.77
C GLY A 371 -4.01 17.68 9.56
N LYS A 372 -3.82 18.76 8.85
CA LYS A 372 -3.40 19.99 9.46
C LYS A 372 -4.57 20.91 9.70
N ARG A 373 -4.28 22.20 9.67
CA ARG A 373 -5.25 23.20 10.00
C ARG A 373 -6.48 22.96 9.21
N GLY A 374 -7.62 23.16 9.83
CA GLY A 374 -8.86 23.19 9.12
C GLY A 374 -9.69 22.00 9.31
N MSE A 375 -9.15 21.01 9.98
CA MSE A 375 -9.84 19.76 10.10
C MSE A 375 -10.97 19.82 11.06
O MSE A 375 -11.99 19.20 10.79
CB MSE A 375 -8.94 18.61 10.44
CG MSE A 375 -9.77 17.38 10.22
SE MSE A 375 -8.81 15.82 10.80
CE MSE A 375 -10.23 14.86 11.70
N GLU A 376 -10.85 20.51 12.17
CA GLU A 376 -12.02 20.55 13.04
C GLU A 376 -13.18 21.34 12.42
N ASP A 377 -12.84 22.43 11.73
CA ASP A 377 -13.81 23.23 11.00
C ASP A 377 -14.56 22.32 10.03
N TYR A 378 -13.76 21.60 9.24
CA TYR A 378 -14.25 20.62 8.29
C TYR A 378 -15.20 19.65 8.96
N VAL A 379 -14.69 18.85 9.89
CA VAL A 379 -15.52 17.88 10.61
C VAL A 379 -16.82 18.47 11.20
N THR A 380 -16.77 19.71 11.68
CA THR A 380 -18.00 20.36 12.16
C THR A 380 -18.97 20.50 11.00
N ARG A 381 -18.50 21.06 9.88
CA ARG A 381 -19.29 21.17 8.66
C ARG A 381 -19.93 19.83 8.27
N VAL A 382 -19.14 18.76 8.30
CA VAL A 382 -19.63 17.43 8.00
C VAL A 382 -20.68 16.95 9.00
N LEU A 383 -20.53 17.33 10.26
CA LEU A 383 -21.55 17.01 11.25
C LEU A 383 -22.86 17.73 10.89
N GLU A 384 -22.76 19.04 10.63
CA GLU A 384 -23.88 19.85 10.20
C GLU A 384 -24.62 19.17 9.03
N GLY A 385 -23.87 18.85 7.98
CA GLY A 385 -24.41 18.11 6.86
C GLY A 385 -25.11 16.82 7.25
N MSE A 386 -24.43 15.97 8.03
CA MSE A 386 -25.00 14.67 8.41
C MSE A 386 -26.33 14.82 9.12
O MSE A 386 -27.25 14.01 8.95
CB MSE A 386 -24.02 13.89 9.28
CG MSE A 386 -22.79 13.37 8.57
SE MSE A 386 -21.66 12.52 9.67
CE MSE A 386 -22.66 11.10 10.06
N ARG A 387 -26.46 15.86 9.95
CA ARG A 387 -27.74 16.08 10.60
C ARG A 387 -28.68 16.82 9.67
N SER A 388 -28.13 17.59 8.74
CA SER A 388 -28.94 18.37 7.79
C SER A 388 -29.73 17.47 6.83
N SER A 389 -29.76 16.17 7.11
CA SER A 389 -30.51 15.25 6.26
C SER A 389 -30.51 13.83 6.81
N GLY A 390 -31.57 13.51 7.57
CA GLY A 390 -31.78 12.18 8.10
C GLY A 390 -30.53 11.62 8.77
N VAL A 391 -30.04 10.51 8.24
CA VAL A 391 -28.78 9.94 8.67
C VAL A 391 -28.74 9.71 10.17
N GLU A 392 -29.37 8.64 10.62
CA GLU A 392 -29.26 8.21 12.00
C GLU A 392 -27.81 7.83 12.26
N LEU A 393 -27.19 8.49 13.24
CA LEU A 393 -25.83 8.13 13.63
C LEU A 393 -25.88 6.80 14.36
N SER A 394 -25.19 5.80 13.83
CA SER A 394 -25.08 4.50 14.48
C SER A 394 -24.06 4.59 15.60
N ARG A 395 -23.97 3.55 16.42
CA ARG A 395 -23.05 3.54 17.52
C ARG A 395 -21.66 3.63 16.91
N ASP A 396 -21.56 3.25 15.63
CA ASP A 396 -20.31 3.27 14.90
C ASP A 396 -20.02 4.63 14.30
N THR A 397 -21.06 5.42 14.06
CA THR A 397 -20.83 6.73 13.47
C THR A 397 -20.21 7.66 14.50
N TYR A 398 -20.57 7.43 15.75
CA TYR A 398 -19.99 8.17 16.87
C TYR A 398 -18.49 8.00 16.94
N ASN A 399 -18.02 6.75 16.83
CA ASN A 399 -16.60 6.48 16.90
C ASN A 399 -15.86 7.16 15.76
N THR A 400 -16.44 7.15 14.58
CA THR A 400 -15.84 7.83 13.43
C THR A 400 -15.71 9.30 13.75
N LEU A 401 -16.75 9.84 14.40
CA LEU A 401 -16.80 11.26 14.78
C LEU A 401 -15.76 11.66 15.81
N ILE A 402 -15.89 11.12 17.02
CA ILE A 402 -14.94 11.30 18.11
C ILE A 402 -13.52 11.08 17.65
N ALA A 403 -13.31 10.11 16.76
CA ALA A 403 -11.95 9.83 16.29
C ALA A 403 -11.47 10.97 15.41
N ALA A 404 -12.35 11.46 14.52
CA ALA A 404 -11.99 12.58 13.67
C ALA A 404 -11.66 13.84 14.50
N TYR A 405 -12.52 14.16 15.46
CA TYR A 405 -12.28 15.28 16.36
C TYR A 405 -11.01 15.10 17.16
N GLY A 406 -10.77 13.86 17.60
CA GLY A 406 -9.63 13.53 18.40
C GLY A 406 -8.34 13.62 17.62
N ARG A 407 -8.47 13.55 16.31
CA ARG A 407 -7.33 13.55 15.42
C ARG A 407 -6.73 14.95 15.24
N CYS A 408 -7.48 15.99 15.58
CA CYS A 408 -6.94 17.36 15.55
C CYS A 408 -6.53 17.80 16.94
N GLY A 409 -7.42 17.61 17.90
CA GLY A 409 -7.16 18.04 19.25
C GLY A 409 -8.41 18.73 19.75
N SER A 410 -9.44 18.74 18.92
CA SER A 410 -10.71 19.32 19.31
C SER A 410 -11.33 18.58 20.49
N ARG A 411 -10.63 18.59 21.62
CA ARG A 411 -11.07 17.96 22.86
C ARG A 411 -12.52 18.30 23.24
N THR A 412 -12.87 19.57 23.18
CA THR A 412 -14.20 20.05 23.50
C THR A 412 -15.19 19.32 22.61
N ASN A 413 -14.92 19.29 21.32
CA ASN A 413 -15.82 18.63 20.39
C ASN A 413 -15.83 17.12 20.54
N ALA A 414 -14.66 16.51 20.72
CA ALA A 414 -14.55 15.07 20.96
C ALA A 414 -15.42 14.61 22.15
N PHE A 415 -15.31 15.32 23.28
CA PHE A 415 -16.13 15.00 24.44
C PHE A 415 -17.61 15.34 24.23
N LYS A 416 -17.86 16.32 23.36
CA LYS A 416 -19.21 16.72 23.03
C LYS A 416 -19.93 15.57 22.32
N MSE A 417 -19.28 15.01 21.30
CA MSE A 417 -19.83 13.86 20.60
C MSE A 417 -19.88 12.65 21.50
O MSE A 417 -20.77 11.82 21.34
CB MSE A 417 -19.00 13.52 19.34
CG MSE A 417 -19.17 14.49 18.20
SE MSE A 417 -20.88 14.71 17.71
CE MSE A 417 -21.27 16.25 18.50
N TYR A 418 -18.92 12.53 22.42
CA TYR A 418 -18.93 11.39 23.32
C TYR A 418 -20.15 11.42 24.23
N ASN A 419 -20.49 12.60 24.72
CA ASN A 419 -21.71 12.75 25.50
C ASN A 419 -22.96 12.52 24.67
N GLU A 420 -23.00 13.14 23.48
CA GLU A 420 -24.09 12.91 22.56
C GLU A 420 -24.30 11.41 22.33
N MSE A 421 -23.21 10.65 22.32
CA MSE A 421 -23.28 9.21 22.13
C MSE A 421 -23.79 8.49 23.37
O MSE A 421 -24.52 7.50 23.27
CB MSE A 421 -21.90 8.65 21.78
CG MSE A 421 -21.80 7.13 21.79
SE MSE A 421 -20.12 6.59 21.46
CE MSE A 421 -20.34 4.83 21.38
N THR A 422 -23.42 8.99 24.55
CA THR A 422 -23.86 8.41 25.81
C THR A 422 -25.31 8.74 26.10
N SER A 423 -25.72 9.94 25.71
CA SER A 423 -27.09 10.40 25.91
C SER A 423 -28.09 9.49 25.19
N ALA A 424 -27.89 9.41 23.88
CA ALA A 424 -28.71 8.59 23.01
C ALA A 424 -28.59 7.15 23.41
N GLY A 425 -27.99 6.92 24.58
CA GLY A 425 -27.83 5.58 25.06
C GLY A 425 -27.07 4.75 24.05
N PHE A 426 -25.88 4.32 24.44
CA PHE A 426 -25.06 3.48 23.61
C PHE A 426 -23.99 2.92 24.52
N THR A 427 -23.44 1.78 24.16
CA THR A 427 -22.42 1.15 24.98
C THR A 427 -21.02 1.43 24.44
N PRO A 428 -20.66 2.70 24.40
CA PRO A 428 -19.34 3.10 23.93
C PRO A 428 -18.30 2.03 24.23
N CYS A 429 -17.59 1.57 23.21
CA CYS A 429 -16.65 0.47 23.35
C CYS A 429 -15.24 0.94 23.65
N ILE A 430 -14.25 0.38 22.95
CA ILE A 430 -12.85 0.70 23.21
C ILE A 430 -12.28 1.77 22.29
N THR A 431 -12.51 1.63 20.99
CA THR A 431 -12.04 2.63 20.03
C THR A 431 -12.47 4.04 20.41
N THR A 432 -13.67 4.14 20.98
CA THR A 432 -14.14 5.41 21.51
C THR A 432 -13.17 5.93 22.56
N TYR A 433 -12.85 5.08 23.53
CA TYR A 433 -11.97 5.45 24.62
C TYR A 433 -10.57 5.85 24.14
N ASN A 434 -10.03 5.10 23.18
CA ASN A 434 -8.75 5.48 22.61
C ASN A 434 -8.85 6.73 21.80
N ALA A 435 -10.05 7.05 21.34
CA ALA A 435 -10.23 8.27 20.58
C ALA A 435 -10.06 9.44 21.53
N LEU A 436 -10.68 9.30 22.71
CA LEU A 436 -10.52 10.28 23.77
C LEU A 436 -9.05 10.37 24.21
N LEU A 437 -8.44 9.22 24.49
CA LEU A 437 -7.04 9.18 24.88
C LEU A 437 -6.18 9.86 23.83
N ASN A 438 -6.61 9.76 22.58
CA ASN A 438 -5.86 10.39 21.51
C ASN A 438 -5.97 11.92 21.56
N VAL A 439 -7.19 12.45 21.76
CA VAL A 439 -7.33 13.90 21.89
C VAL A 439 -6.56 14.48 23.07
N LEU A 440 -6.49 13.73 24.17
CA LEU A 440 -5.80 14.23 25.35
C LEU A 440 -4.28 14.44 25.22
N SER A 441 -3.69 13.89 24.16
CA SER A 441 -2.23 13.87 24.03
C SER A 441 -1.61 15.20 23.61
N ARG A 442 -2.44 16.13 23.14
CA ARG A 442 -1.92 17.45 22.78
C ARG A 442 -1.74 18.24 24.05
N GLN A 443 -2.74 18.20 24.91
CA GLN A 443 -2.72 19.00 26.11
C GLN A 443 -2.02 18.31 27.27
N GLY A 444 -1.28 17.25 26.98
CA GLY A 444 -0.56 16.53 28.02
C GLY A 444 -1.40 16.28 29.27
N ASP A 445 -2.62 15.81 29.05
CA ASP A 445 -3.57 15.64 30.14
C ASP A 445 -3.63 14.17 30.56
N TRP A 446 -2.54 13.72 31.15
CA TRP A 446 -2.48 12.37 31.69
C TRP A 446 -3.53 12.12 32.78
N SER A 447 -4.08 13.17 33.38
CA SER A 447 -4.95 12.97 34.53
C SER A 447 -6.28 12.40 34.06
N THR A 448 -6.89 13.12 33.13
CA THR A 448 -8.12 12.70 32.48
C THR A 448 -7.94 11.36 31.76
N ALA A 449 -6.74 11.18 31.19
CA ALA A 449 -6.39 9.95 30.50
C ALA A 449 -6.41 8.77 31.46
N GLN A 450 -5.69 8.88 32.57
CA GLN A 450 -5.72 7.86 33.61
C GLN A 450 -7.15 7.54 33.96
N SER A 451 -7.92 8.59 34.22
CA SER A 451 -9.33 8.42 34.54
C SER A 451 -10.04 7.55 33.51
N ILE A 452 -9.79 7.85 32.24
CA ILE A 452 -10.38 7.12 31.14
C ILE A 452 -10.01 5.65 31.19
N VAL A 453 -8.73 5.37 31.41
CA VAL A 453 -8.28 3.98 31.58
C VAL A 453 -8.99 3.28 32.77
N SER A 454 -9.31 4.03 33.81
CA SER A 454 -10.07 3.47 34.93
C SER A 454 -11.48 3.07 34.50
N LYS A 455 -12.18 3.98 33.81
CA LYS A 455 -13.52 3.68 33.34
C LYS A 455 -13.49 2.46 32.43
N MSE A 456 -12.57 2.49 31.47
CA MSE A 456 -12.34 1.36 30.57
C MSE A 456 -12.19 0.06 31.34
O MSE A 456 -12.88 -0.92 31.06
CB MSE A 456 -11.05 1.64 29.78
CG MSE A 456 -10.87 0.83 28.53
SE MSE A 456 -9.46 1.48 27.63
CE MSE A 456 -9.57 3.18 28.02
N ARG A 457 -11.28 0.07 32.31
CA ARG A 457 -10.95 -1.14 33.07
C ARG A 457 -12.15 -1.74 33.78
N THR A 458 -12.98 -0.90 34.39
CA THR A 458 -14.00 -1.43 35.28
C THR A 458 -15.16 -1.93 34.48
N LYS A 459 -15.71 -1.07 33.64
CA LYS A 459 -16.74 -1.47 32.69
C LYS A 459 -16.22 -2.64 31.88
N GLY A 460 -15.25 -3.35 32.46
CA GLY A 460 -14.75 -4.60 31.91
C GLY A 460 -14.15 -4.69 30.51
N PHE A 461 -13.44 -3.67 30.06
CA PHE A 461 -12.72 -3.78 28.81
C PHE A 461 -11.26 -4.02 29.11
N LYS A 462 -10.43 -4.17 28.09
CA LYS A 462 -9.02 -4.37 28.32
C LYS A 462 -8.20 -3.59 27.34
N PRO A 463 -7.65 -2.53 27.84
CA PRO A 463 -6.76 -1.62 27.08
C PRO A 463 -5.79 -2.22 26.07
N ASN A 464 -6.17 -2.22 24.80
CA ASN A 464 -5.25 -2.21 23.64
C ASN A 464 -3.81 -1.78 23.92
N GLU A 465 -2.88 -2.31 23.15
CA GLU A 465 -1.52 -1.80 23.13
C GLU A 465 -1.55 -0.38 22.57
N GLN A 466 -2.68 -0.01 21.97
CA GLN A 466 -2.88 1.31 21.41
C GLN A 466 -3.19 2.27 22.54
N SER A 467 -4.09 1.82 23.41
CA SER A 467 -4.38 2.55 24.64
C SER A 467 -3.10 2.92 25.36
N TYR A 468 -2.27 1.91 25.59
CA TYR A 468 -1.03 2.12 26.29
C TYR A 468 -0.11 3.06 25.54
N SER A 469 -0.08 2.96 24.22
CA SER A 469 0.71 3.91 23.45
C SER A 469 0.21 5.36 23.63
N LEU A 470 -1.10 5.54 23.71
CA LEU A 470 -1.67 6.88 23.78
C LEU A 470 -1.41 7.53 25.13
N LEU A 471 -1.55 6.71 26.17
CA LEU A 471 -1.22 7.12 27.53
C LEU A 471 0.25 7.52 27.68
N LEU A 472 1.14 6.69 27.14
CA LEU A 472 2.56 7.03 27.10
C LEU A 472 2.77 8.40 26.46
N GLN A 473 2.17 8.57 25.28
CA GLN A 473 2.20 9.87 24.58
C GLN A 473 1.69 11.03 25.45
N CYS A 474 0.76 10.74 26.36
CA CYS A 474 0.15 11.75 27.21
C CYS A 474 1.05 12.17 28.35
N TYR A 475 1.74 11.19 28.93
CA TYR A 475 2.66 11.50 30.01
C TYR A 475 3.78 12.31 29.41
N ALA A 476 4.22 11.90 28.23
CA ALA A 476 5.34 12.60 27.60
C ALA A 476 5.05 14.07 27.35
N LYS A 477 3.94 14.37 26.69
CA LYS A 477 3.61 15.74 26.35
C LYS A 477 3.37 16.57 27.62
N GLY A 478 3.08 15.88 28.72
CA GLY A 478 2.74 16.52 29.98
C GLY A 478 3.89 16.57 30.96
N GLY A 479 5.08 16.22 30.51
CA GLY A 479 6.27 16.29 31.34
C GLY A 479 6.29 15.25 32.45
N ASN A 480 5.29 14.38 32.48
CA ASN A 480 5.16 13.47 33.59
C ASN A 480 6.06 12.25 33.47
N VAL A 481 7.35 12.43 33.75
CA VAL A 481 8.31 11.32 33.73
C VAL A 481 7.89 10.12 34.59
N ALA A 482 7.19 10.41 35.68
CA ALA A 482 6.78 9.40 36.65
C ALA A 482 5.92 8.29 36.05
N GLY A 483 4.88 8.70 35.32
CA GLY A 483 3.95 7.74 34.74
C GLY A 483 4.57 6.93 33.63
N ILE A 484 5.51 7.55 32.93
CA ILE A 484 6.26 6.87 31.88
C ILE A 484 7.14 5.80 32.51
N ALA A 485 7.87 6.17 33.57
CA ALA A 485 8.69 5.22 34.32
C ALA A 485 7.86 4.05 34.88
N ALA A 486 6.65 4.36 35.34
CA ALA A 486 5.78 3.35 35.93
C ALA A 486 5.32 2.36 34.86
N ILE A 487 4.83 2.90 33.75
CA ILE A 487 4.46 2.05 32.61
C ILE A 487 5.62 1.18 32.13
N GLU A 488 6.80 1.78 31.99
CA GLU A 488 8.02 1.06 31.65
C GLU A 488 8.09 -0.17 32.52
N ASN A 489 8.07 0.08 33.83
CA ASN A 489 8.19 -1.02 34.79
C ASN A 489 7.15 -2.10 34.54
N GLU A 490 5.91 -1.71 34.29
CA GLU A 490 4.86 -2.69 33.98
C GLU A 490 5.23 -3.52 32.76
N VAL A 491 5.87 -2.88 31.79
CA VAL A 491 6.24 -3.47 30.51
C VAL A 491 7.37 -4.52 30.60
N TYR A 492 8.30 -4.32 31.52
CA TYR A 492 9.45 -5.22 31.63
C TYR A 492 9.21 -6.40 32.58
N GLY A 493 7.99 -6.50 33.10
CA GLY A 493 7.59 -7.60 33.96
C GLY A 493 6.71 -8.64 33.28
N PRO A 499 3.91 -5.70 26.13
CA PRO A 499 5.35 -5.80 25.82
C PRO A 499 5.67 -5.74 24.32
N SER A 500 4.78 -5.08 23.55
CA SER A 500 4.78 -5.09 22.08
C SER A 500 6.02 -4.51 21.39
N TRP A 501 5.79 -3.72 20.35
CA TRP A 501 6.84 -2.92 19.70
C TRP A 501 6.26 -1.55 19.56
N VAL A 502 4.97 -1.49 19.26
CA VAL A 502 4.27 -0.22 19.21
C VAL A 502 4.44 0.49 20.54
N ILE A 503 4.60 -0.28 21.61
CA ILE A 503 4.83 0.24 22.94
C ILE A 503 6.30 0.61 23.14
N LEU A 504 7.20 -0.24 22.70
CA LEU A 504 8.63 -0.02 22.91
C LEU A 504 9.14 1.21 22.16
N ARG A 505 8.66 1.35 20.93
CA ARG A 505 9.00 2.44 20.07
C ARG A 505 8.49 3.70 20.70
N THR A 506 7.27 3.63 21.17
CA THR A 506 6.62 4.73 21.87
C THR A 506 7.42 5.14 23.10
N LEU A 507 8.06 4.16 23.75
CA LEU A 507 8.86 4.43 24.95
C LEU A 507 10.15 5.15 24.62
N VAL A 508 10.84 4.68 23.59
CA VAL A 508 12.02 5.38 23.08
C VAL A 508 11.66 6.84 22.74
N ILE A 509 10.55 7.02 22.02
CA ILE A 509 10.13 8.36 21.64
C ILE A 509 9.70 9.25 22.81
N ALA A 510 8.99 8.69 23.78
CA ALA A 510 8.47 9.46 24.90
C ALA A 510 9.60 9.87 25.85
N ASN A 511 10.45 8.90 26.17
CA ASN A 511 11.65 9.18 26.94
C ASN A 511 12.53 10.20 26.23
N PHE A 512 12.59 10.12 24.90
CA PHE A 512 13.34 11.13 24.16
C PHE A 512 12.72 12.52 24.28
N LYS A 513 11.40 12.58 24.27
CA LYS A 513 10.71 13.86 24.37
C LYS A 513 10.91 14.46 25.75
N CYS A 514 11.18 13.61 26.73
CA CYS A 514 11.54 14.05 28.09
C CYS A 514 13.04 14.12 28.39
N ARG A 515 13.88 13.89 27.39
CA ARG A 515 15.33 13.84 27.57
C ARG A 515 15.80 12.85 28.64
N ARG A 516 15.00 11.80 28.87
CA ARG A 516 15.33 10.76 29.86
C ARG A 516 16.14 9.66 29.19
N LEU A 517 17.45 9.76 29.31
CA LEU A 517 18.34 8.85 28.62
C LEU A 517 18.18 7.42 29.09
N ASP A 518 18.06 7.22 30.40
CA ASP A 518 18.01 5.86 30.95
C ASP A 518 16.96 4.99 30.30
N GLY A 519 15.71 5.45 30.28
CA GLY A 519 14.64 4.73 29.64
C GLY A 519 14.82 4.56 28.14
N MSE A 520 15.57 5.47 27.53
CA MSE A 520 15.83 5.39 26.09
C MSE A 520 16.78 4.25 25.83
O MSE A 520 16.53 3.41 24.96
CB MSE A 520 16.46 6.71 25.60
CG MSE A 520 15.59 7.54 24.69
SE MSE A 520 16.43 9.06 24.28
CE MSE A 520 16.16 9.96 25.79
N GLU A 521 17.86 4.23 26.58
CA GLU A 521 18.85 3.15 26.60
C GLU A 521 18.19 1.81 26.88
N THR A 522 17.34 1.78 27.89
CA THR A 522 16.68 0.54 28.29
C THR A 522 15.69 0.02 27.25
N ALA A 523 14.78 0.87 26.77
CA ALA A 523 13.80 0.44 25.77
C ALA A 523 14.46 0.15 24.42
N PHE A 524 15.58 0.79 24.13
CA PHE A 524 16.32 0.42 22.93
C PHE A 524 16.87 -0.97 23.11
N GLN A 525 17.49 -1.20 24.26
CA GLN A 525 18.08 -2.47 24.62
C GLN A 525 17.02 -3.57 24.52
N GLU A 526 15.79 -3.21 24.89
CA GLU A 526 14.68 -4.13 24.92
C GLU A 526 14.18 -4.46 23.50
N VAL A 527 14.17 -3.46 22.61
CA VAL A 527 13.86 -3.70 21.20
C VAL A 527 14.92 -4.58 20.52
N LYS A 528 16.20 -4.21 20.69
CA LYS A 528 17.31 -4.96 20.10
C LYS A 528 17.46 -6.35 20.72
N ALA A 529 16.84 -6.55 21.88
CA ALA A 529 16.90 -7.82 22.57
C ALA A 529 16.11 -8.90 21.82
N ARG A 530 14.89 -8.57 21.44
CA ARG A 530 14.07 -9.50 20.68
C ARG A 530 14.49 -9.50 19.21
N GLY A 531 15.78 -9.37 18.97
CA GLY A 531 16.28 -9.30 17.61
C GLY A 531 15.12 -8.92 16.70
N TYR A 532 14.90 -7.62 16.66
CA TYR A 532 13.80 -6.97 15.97
C TYR A 532 14.38 -6.16 14.87
N ASN A 533 13.83 -4.97 14.72
CA ASN A 533 14.25 -4.07 13.69
C ASN A 533 14.09 -2.65 14.16
N PRO A 534 15.10 -2.15 14.86
CA PRO A 534 15.13 -0.74 15.20
C PRO A 534 14.82 -0.05 13.92
N ASP A 535 14.20 1.11 13.99
CA ASP A 535 13.73 1.77 12.81
C ASP A 535 14.42 3.11 12.76
N LEU A 536 14.58 3.66 11.58
CA LEU A 536 15.35 4.91 11.49
C LEU A 536 15.02 5.96 12.55
N VAL A 537 13.75 6.22 12.79
CA VAL A 537 13.36 7.22 13.77
C VAL A 537 14.05 6.95 15.11
N ILE A 538 13.95 5.72 15.58
CA ILE A 538 14.61 5.32 16.81
C ILE A 538 16.08 5.70 16.79
N PHE A 539 16.78 5.29 15.74
CA PHE A 539 18.24 5.51 15.64
C PHE A 539 18.61 6.99 15.68
N ASN A 540 17.88 7.79 14.91
CA ASN A 540 18.05 9.22 14.94
C ASN A 540 17.89 9.75 16.36
N SER A 541 16.91 9.20 17.07
CA SER A 541 16.69 9.58 18.46
C SER A 541 17.92 9.29 19.31
N MSE A 542 18.33 8.03 19.34
CA MSE A 542 19.51 7.62 20.12
C MSE A 542 20.76 8.47 19.83
O MSE A 542 21.48 8.90 20.75
CB MSE A 542 19.80 6.14 19.93
CG MSE A 542 18.70 5.21 20.41
SE MSE A 542 18.18 5.42 22.14
CE MSE A 542 19.65 4.95 23.04
N LEU A 543 21.03 8.72 18.55
CA LEU A 543 22.15 9.58 18.18
C LEU A 543 21.93 11.00 18.73
N SER A 544 20.71 11.51 18.60
CA SER A 544 20.37 12.83 19.14
C SER A 544 20.65 12.96 20.64
N ILE A 545 20.16 12.02 21.43
CA ILE A 545 20.35 12.07 22.87
C ILE A 545 21.83 11.96 23.24
N TYR A 546 22.55 11.07 22.54
CA TYR A 546 23.96 10.88 22.85
C TYR A 546 24.77 12.12 22.50
N ALA A 547 24.32 12.86 21.49
CA ALA A 547 24.89 14.16 21.16
C ALA A 547 24.64 15.19 22.28
N LYS A 548 23.40 15.27 22.73
CA LYS A 548 23.06 16.31 23.70
C LYS A 548 23.65 16.08 25.11
N ASN A 549 23.79 14.83 25.52
CA ASN A 549 24.46 14.57 26.81
C ASN A 549 26.00 14.55 26.71
N GLY A 550 26.54 14.87 25.53
CA GLY A 550 27.99 14.82 25.36
C GLY A 550 28.67 13.45 25.19
N MSE A 551 27.91 12.35 25.13
CA MSE A 551 28.54 11.05 24.89
C MSE A 551 28.73 10.83 23.41
O MSE A 551 27.89 10.24 22.74
CB MSE A 551 27.71 9.90 25.46
CG MSE A 551 27.51 9.97 26.94
SE MSE A 551 25.80 9.68 27.40
CE MSE A 551 25.75 10.53 28.98
N TYR A 552 29.84 11.33 22.88
CA TYR A 552 30.03 11.42 21.45
C TYR A 552 30.44 10.10 20.81
N SER A 553 31.21 9.30 21.53
CA SER A 553 31.63 8.02 20.98
C SER A 553 30.47 7.05 20.95
N LYS A 554 29.48 7.32 21.80
CA LYS A 554 28.27 6.52 21.81
C LYS A 554 27.43 6.81 20.58
N ALA A 555 27.26 8.08 20.24
CA ALA A 555 26.48 8.43 19.05
C ALA A 555 27.19 8.07 17.76
N THR A 556 28.52 8.11 17.79
CA THR A 556 29.30 7.52 16.71
C THR A 556 28.96 6.02 16.59
N GLU A 557 28.91 5.34 17.73
CA GLU A 557 28.55 3.93 17.75
C GLU A 557 27.15 3.65 17.21
N VAL A 558 26.24 4.62 17.40
CA VAL A 558 24.88 4.46 16.91
C VAL A 558 24.85 4.67 15.41
N PHE A 559 25.60 5.65 14.91
CA PHE A 559 25.71 5.81 13.46
C PHE A 559 26.24 4.52 12.82
N ASP A 560 27.34 4.02 13.36
CA ASP A 560 27.90 2.75 12.94
C ASP A 560 26.83 1.66 12.99
N SER A 561 25.97 1.73 14.01
CA SER A 561 24.88 0.75 14.12
C SER A 561 23.88 0.86 12.97
N ILE A 562 23.59 2.08 12.55
CA ILE A 562 22.69 2.27 11.42
C ILE A 562 23.30 1.70 10.16
N LYS A 563 24.48 2.20 9.81
CA LYS A 563 25.12 1.81 8.56
C LYS A 563 25.41 0.31 8.55
N ARG A 564 25.71 -0.23 9.73
CA ARG A 564 26.01 -1.65 9.86
C ARG A 564 24.90 -2.51 9.27
N SER A 565 23.89 -2.80 10.09
CA SER A 565 22.76 -3.62 9.65
C SER A 565 22.57 -3.51 8.15
N GLY A 566 21.85 -2.48 7.71
CA GLY A 566 21.59 -2.27 6.30
C GLY A 566 20.90 -0.95 6.03
N LEU A 567 20.10 -0.51 7.00
CA LEU A 567 19.45 0.79 6.90
C LEU A 567 20.42 1.84 6.43
N SER A 568 19.94 2.80 5.64
CA SER A 568 20.79 3.92 5.23
C SER A 568 20.24 5.27 5.74
N PRO A 569 21.11 6.07 6.38
CA PRO A 569 20.75 7.32 7.06
C PRO A 569 20.14 8.36 6.13
N ASP A 570 19.37 9.30 6.68
CA ASP A 570 18.81 10.38 5.86
C ASP A 570 19.37 11.74 6.23
N LEU A 571 18.62 12.79 5.90
CA LEU A 571 19.06 14.12 6.24
C LEU A 571 19.01 14.35 7.73
N ILE A 572 17.96 13.88 8.40
CA ILE A 572 17.82 14.12 9.84
C ILE A 572 19.02 13.53 10.57
N THR A 573 19.57 12.45 10.00
CA THR A 573 20.74 11.80 10.58
C THR A 573 22.02 12.62 10.41
N TYR A 574 22.36 12.92 9.15
CA TYR A 574 23.58 13.65 8.83
C TYR A 574 23.58 15.05 9.44
N ASN A 575 22.39 15.63 9.58
CA ASN A 575 22.21 16.94 10.20
C ASN A 575 22.38 16.84 11.70
N SER A 576 21.90 15.73 12.26
CA SER A 576 22.17 15.46 13.67
C SER A 576 23.67 15.41 13.91
N LEU A 577 24.38 14.72 13.01
CA LEU A 577 25.83 14.57 13.15
C LEU A 577 26.58 15.89 13.03
N MSE A 578 26.39 16.57 11.91
CA MSE A 578 27.02 17.85 11.65
C MSE A 578 26.75 18.76 12.82
O MSE A 578 27.64 19.48 13.27
CB MSE A 578 26.43 18.47 10.39
CG MSE A 578 26.90 17.86 9.11
SE MSE A 578 25.87 18.44 7.78
CE MSE A 578 26.89 19.58 7.01
N ASP A 579 25.52 18.75 13.31
CA ASP A 579 25.23 19.60 14.45
C ASP A 579 26.03 19.23 15.71
N MSE A 580 26.10 17.94 16.04
CA MSE A 580 26.93 17.53 17.16
C MSE A 580 28.37 18.03 16.99
O MSE A 580 28.95 18.65 17.89
CB MSE A 580 26.90 16.01 17.35
CG MSE A 580 28.13 15.44 18.05
SE MSE A 580 28.43 13.71 17.69
CE MSE A 580 27.34 13.01 18.89
N TYR A 581 28.94 17.78 15.81
CA TYR A 581 30.30 18.19 15.52
C TYR A 581 30.49 19.70 15.69
N ALA A 582 29.49 20.48 15.26
CA ALA A 582 29.51 21.93 15.46
C ALA A 582 29.54 22.28 16.94
N LYS A 583 28.71 21.61 17.73
CA LYS A 583 28.72 21.77 19.19
C LYS A 583 30.10 21.48 19.81
N CYS A 584 30.86 20.57 19.21
CA CYS A 584 32.19 20.24 19.75
C CYS A 584 33.34 21.12 19.27
N SER A 585 33.03 22.16 18.50
CA SER A 585 34.03 23.06 17.90
C SER A 585 34.79 22.39 16.75
N GLU A 586 34.46 21.12 16.52
CA GLU A 586 34.96 20.35 15.39
C GLU A 586 34.15 20.64 14.13
N SER A 587 34.10 21.90 13.73
CA SER A 587 33.27 22.26 12.60
C SER A 587 33.91 21.89 11.29
N TRP A 588 35.03 21.21 11.34
CA TRP A 588 35.65 20.66 10.14
C TRP A 588 35.04 19.32 9.77
N GLU A 589 34.62 18.57 10.80
CA GLU A 589 34.02 17.26 10.56
C GLU A 589 32.59 17.39 10.03
N ALA A 590 31.89 18.40 10.53
CA ALA A 590 30.61 18.78 9.98
C ALA A 590 30.75 19.13 8.51
N GLU A 591 31.89 19.71 8.15
CA GLU A 591 32.11 20.14 6.78
C GLU A 591 32.39 18.96 5.88
N LYS A 592 33.17 18.02 6.41
CA LYS A 592 33.48 16.78 5.70
C LYS A 592 32.19 16.06 5.38
N ILE A 593 31.29 15.98 6.37
CA ILE A 593 29.97 15.39 6.11
C ILE A 593 29.17 16.15 5.06
N LEU A 594 29.16 17.49 5.14
CA LEU A 594 28.50 18.33 4.14
C LEU A 594 28.95 17.99 2.74
N ASN A 595 30.25 17.81 2.59
CA ASN A 595 30.84 17.54 1.29
C ASN A 595 30.47 16.15 0.83
N GLN A 596 30.47 15.21 1.77
CA GLN A 596 30.02 13.84 1.51
C GLN A 596 28.64 13.90 0.89
N LEU A 597 27.69 14.49 1.61
CA LEU A 597 26.36 14.75 1.09
C LEU A 597 26.37 15.39 -0.28
N LYS A 598 27.28 16.33 -0.48
CA LYS A 598 27.32 17.07 -1.73
C LYS A 598 27.51 16.12 -2.89
N CYS A 599 28.39 15.14 -2.70
CA CYS A 599 28.61 14.17 -3.78
C CYS A 599 28.06 12.79 -3.46
N SER A 600 26.88 12.77 -2.84
CA SER A 600 26.24 11.54 -2.40
C SER A 600 25.54 10.81 -3.57
N GLN A 601 25.10 11.59 -4.55
CA GLN A 601 24.36 11.11 -5.73
C GLN A 601 22.88 10.84 -5.44
N THR A 602 22.54 10.58 -4.18
CA THR A 602 21.19 10.21 -3.86
C THR A 602 20.60 11.13 -2.82
N MSE A 603 21.48 11.88 -2.16
CA MSE A 603 21.05 12.88 -1.19
C MSE A 603 21.65 14.20 -1.59
O MSE A 603 22.73 14.24 -2.18
CB MSE A 603 21.52 12.53 0.22
CG MSE A 603 21.45 11.08 0.59
SE MSE A 603 21.19 10.80 2.34
CE MSE A 603 19.40 10.83 2.43
N LYS A 604 20.95 15.30 -1.27
CA LYS A 604 21.58 16.61 -1.26
C LYS A 604 21.37 17.20 0.12
N PRO A 605 22.23 18.15 0.51
CA PRO A 605 22.04 18.85 1.78
C PRO A 605 21.00 19.96 1.63
N ASP A 606 20.31 20.29 2.71
CA ASP A 606 19.40 21.41 2.63
C ASP A 606 19.88 22.58 3.48
N VAL A 607 19.08 23.63 3.55
CA VAL A 607 19.43 24.83 4.29
C VAL A 607 19.94 24.58 5.71
N VAL A 608 19.32 23.63 6.41
CA VAL A 608 19.78 23.32 7.77
C VAL A 608 21.27 22.87 7.85
N SER A 609 21.71 22.01 6.94
CA SER A 609 23.10 21.52 7.00
C SER A 609 24.11 22.63 6.74
N TYR A 610 23.81 23.48 5.75
CA TYR A 610 24.63 24.68 5.50
C TYR A 610 24.68 25.62 6.70
N ASN A 611 23.51 26.02 7.20
CA ASN A 611 23.45 26.83 8.42
C ASN A 611 24.14 26.23 9.64
N THR A 612 24.24 24.92 9.68
CA THR A 612 24.96 24.25 10.75
C THR A 612 26.45 24.45 10.57
N VAL A 613 26.92 24.32 9.33
CA VAL A 613 28.35 24.47 9.09
C VAL A 613 28.79 25.92 9.19
N ILE A 614 28.02 26.80 8.60
CA ILE A 614 28.26 28.22 8.70
C ILE A 614 28.25 28.69 10.17
N ASN A 615 27.15 28.47 10.87
CA ASN A 615 27.08 28.87 12.28
C ASN A 615 28.22 28.27 13.14
N GLY A 616 28.60 27.02 12.84
CA GLY A 616 29.68 26.37 13.57
C GLY A 616 31.05 26.98 13.32
N PHE A 617 31.32 27.33 12.06
CA PHE A 617 32.58 27.94 11.72
C PHE A 617 32.67 29.35 12.29
N CYS A 618 31.55 30.05 12.39
CA CYS A 618 31.61 31.34 13.10
C CYS A 618 31.98 31.08 14.54
N LYS A 619 31.15 30.27 15.22
CA LYS A 619 31.38 29.94 16.63
C LYS A 619 32.84 29.57 16.97
N GLN A 620 33.48 28.80 16.09
CA GLN A 620 34.86 28.37 16.31
C GLN A 620 35.87 29.42 15.86
N GLY A 621 35.38 30.57 15.42
CA GLY A 621 36.25 31.65 14.97
C GLY A 621 36.65 31.61 13.50
N LEU A 622 36.68 30.42 12.91
CA LEU A 622 36.99 30.28 11.50
C LEU A 622 35.97 30.93 10.54
N VAL A 623 35.75 32.24 10.65
CA VAL A 623 34.77 32.93 9.84
C VAL A 623 35.06 32.90 8.33
N LYS A 624 36.35 32.85 7.98
CA LYS A 624 36.74 32.85 6.57
C LYS A 624 36.09 31.66 5.85
N GLU A 625 36.29 30.48 6.45
CA GLU A 625 35.71 29.21 6.01
C GLU A 625 34.17 29.24 5.95
N ALA A 626 33.52 29.67 7.02
CA ALA A 626 32.07 29.91 7.02
C ALA A 626 31.60 30.75 5.86
N GLN A 627 32.42 31.71 5.45
CA GLN A 627 32.11 32.57 4.32
C GLN A 627 32.19 31.76 3.02
N ARG A 628 33.20 30.91 2.91
CA ARG A 628 33.36 30.06 1.73
C ARG A 628 32.20 29.06 1.58
N VAL A 629 31.73 28.55 2.71
CA VAL A 629 30.59 27.64 2.76
C VAL A 629 29.31 28.40 2.48
N LEU A 630 29.26 29.67 2.85
CA LEU A 630 28.10 30.49 2.51
C LEU A 630 28.06 30.72 1.00
N SER A 631 29.24 30.99 0.43
CA SER A 631 29.43 31.17 -1.00
C SER A 631 28.97 29.94 -1.77
N GLU A 632 29.34 28.77 -1.27
CA GLU A 632 28.90 27.52 -1.89
C GLU A 632 27.40 27.35 -1.79
N MSE A 633 26.88 27.60 -0.58
CA MSE A 633 25.44 27.54 -0.33
C MSE A 633 24.69 28.37 -1.36
O MSE A 633 23.66 27.96 -1.86
CB MSE A 633 25.13 28.04 1.09
CG MSE A 633 23.66 28.25 1.38
SE MSE A 633 23.37 28.80 3.06
CE MSE A 633 21.59 28.86 3.09
N VAL A 634 25.23 29.54 -1.70
CA VAL A 634 24.60 30.38 -2.71
C VAL A 634 24.82 29.81 -4.12
N ALA A 635 25.97 29.16 -4.32
CA ALA A 635 26.34 28.57 -5.61
C ALA A 635 25.45 27.39 -6.06
N ASP A 636 25.10 26.51 -5.14
CA ASP A 636 24.21 25.39 -5.45
C ASP A 636 22.76 25.84 -5.35
N GLY A 637 22.55 27.14 -5.43
CA GLY A 637 21.22 27.71 -5.55
C GLY A 637 20.40 27.71 -4.29
N MSE A 638 21.08 27.67 -3.15
CA MSE A 638 20.41 27.79 -1.86
C MSE A 638 20.41 29.25 -1.37
O MSE A 638 21.42 29.96 -1.46
CB MSE A 638 21.07 26.91 -0.83
CG MSE A 638 20.11 26.21 0.06
SE MSE A 638 19.97 24.52 -0.47
CE MSE A 638 18.27 24.20 0.00
N ALA A 639 19.26 29.67 -0.84
CA ALA A 639 19.07 31.04 -0.38
C ALA A 639 19.00 31.20 1.15
N PRO A 640 20.00 31.89 1.73
CA PRO A 640 20.05 32.17 3.17
C PRO A 640 19.11 33.27 3.66
N CYS A 641 18.66 33.17 4.91
CA CYS A 641 17.86 34.23 5.51
C CYS A 641 18.77 35.37 6.00
N ALA A 642 18.18 36.43 6.53
CA ALA A 642 18.95 37.59 6.99
C ALA A 642 19.81 37.29 8.22
N VAL A 643 19.27 36.47 9.12
CA VAL A 643 19.93 36.11 10.35
C VAL A 643 21.26 35.40 10.10
N THR A 644 21.36 34.65 9.01
CA THR A 644 22.61 33.95 8.73
C THR A 644 23.70 34.97 8.35
N TYR A 645 23.28 35.95 7.54
CA TYR A 645 24.17 37.04 7.16
C TYR A 645 24.64 37.82 8.38
N HIS A 646 23.70 38.11 9.28
CA HIS A 646 24.01 38.79 10.52
C HIS A 646 24.99 37.97 11.33
N THR A 647 24.86 36.65 11.23
CA THR A 647 25.73 35.75 11.96
C THR A 647 27.19 35.82 11.46
N LEU A 648 27.39 35.76 10.15
CA LEU A 648 28.77 35.85 9.66
C LEU A 648 29.35 37.28 9.76
N VAL A 649 28.51 38.30 9.57
CA VAL A 649 28.91 39.68 9.79
C VAL A 649 29.41 39.89 11.22
N GLY A 650 28.59 39.52 12.19
CA GLY A 650 29.00 39.59 13.58
C GLY A 650 30.20 38.70 13.87
N GLY A 651 30.36 37.64 13.10
CA GLY A 651 31.55 36.81 13.18
C GLY A 651 32.81 37.60 12.86
N TYR A 652 32.83 38.21 11.67
CA TYR A 652 33.94 39.06 11.23
C TYR A 652 34.21 40.17 12.22
N SER A 653 33.14 40.84 12.65
CA SER A 653 33.19 41.91 13.66
C SER A 653 33.88 41.50 14.96
N SER A 654 33.47 40.35 15.49
CA SER A 654 34.07 39.76 16.68
C SER A 654 35.59 39.84 16.66
N LEU A 655 36.17 39.71 15.47
CA LEU A 655 37.62 39.66 15.31
C LEU A 655 38.23 40.91 14.65
N GLU A 656 37.50 42.01 14.62
CA GLU A 656 37.99 43.28 14.07
C GLU A 656 38.16 43.30 12.56
N MSE A 657 37.67 42.26 11.89
CA MSE A 657 37.71 42.20 10.44
C MSE A 657 36.56 43.01 9.83
O MSE A 657 35.60 42.44 9.32
CB MSE A 657 37.68 40.74 9.97
CG MSE A 657 38.72 39.85 10.65
SE MSE A 657 38.71 38.11 10.13
CE MSE A 657 39.93 37.43 11.25
N PHE A 658 36.67 44.33 9.86
CA PHE A 658 35.56 45.22 9.48
C PHE A 658 35.39 45.40 7.98
N SER A 659 36.50 45.27 7.27
CA SER A 659 36.49 45.29 5.81
C SER A 659 35.59 44.20 5.22
N GLU A 660 35.67 42.99 5.79
CA GLU A 660 34.90 41.88 5.23
C GLU A 660 33.44 41.93 5.67
N ALA A 661 33.22 42.45 6.88
CA ALA A 661 31.85 42.71 7.35
C ALA A 661 31.13 43.64 6.39
N ARG A 662 31.80 44.72 6.02
CA ARG A 662 31.22 45.62 5.03
C ARG A 662 30.97 44.86 3.73
N GLU A 663 31.96 44.09 3.27
CA GLU A 663 31.79 43.29 2.05
C GLU A 663 30.46 42.51 2.05
N VAL A 664 30.24 41.73 3.11
CA VAL A 664 28.98 41.03 3.29
C VAL A 664 27.78 41.95 3.12
N ILE A 665 27.75 43.05 3.87
CA ILE A 665 26.62 44.02 3.81
C ILE A 665 26.35 44.62 2.41
N GLY A 666 27.42 45.00 1.72
CA GLY A 666 27.33 45.52 0.37
C GLY A 666 26.81 44.48 -0.60
N TYR A 667 27.21 43.23 -0.37
CA TYR A 667 26.66 42.13 -1.13
C TYR A 667 25.17 41.99 -0.85
N MSE A 668 24.76 42.29 0.39
CA MSE A 668 23.36 42.16 0.77
C MSE A 668 22.51 43.19 0.06
O MSE A 668 21.43 42.89 -0.43
CB MSE A 668 23.17 42.27 2.29
CG MSE A 668 23.78 41.14 3.07
SE MSE A 668 23.22 41.08 4.76
CE MSE A 668 21.46 40.93 4.50
N VAL A 669 23.01 44.42 0.00
CA VAL A 669 22.29 45.50 -0.67
C VAL A 669 22.22 45.28 -2.18
N GLN A 670 23.38 45.10 -2.80
CA GLN A 670 23.45 44.89 -4.24
C GLN A 670 22.74 43.59 -4.63
N HIS A 671 21.64 43.29 -3.95
CA HIS A 671 20.88 42.08 -4.22
C HIS A 671 19.42 42.24 -3.80
N GLY A 672 19.09 43.41 -3.28
CA GLY A 672 17.75 43.70 -2.84
C GLY A 672 17.36 43.03 -1.55
N LEU A 673 18.36 42.77 -0.71
CA LEU A 673 18.13 42.07 0.55
C LEU A 673 17.84 43.04 1.70
N LYS A 674 18.76 43.96 1.95
CA LYS A 674 18.61 44.89 3.05
C LYS A 674 18.89 44.18 4.37
N PRO A 675 19.94 44.61 5.07
CA PRO A 675 20.35 43.94 6.31
C PRO A 675 19.59 44.38 7.51
N MSE A 676 19.45 43.51 8.51
CA MSE A 676 18.76 43.88 9.75
C MSE A 676 19.37 45.16 10.31
O MSE A 676 20.56 45.43 10.10
CB MSE A 676 18.89 42.74 10.77
CG MSE A 676 18.34 41.43 10.28
SE MSE A 676 18.85 40.03 11.28
CE MSE A 676 18.42 40.53 12.91
N GLU A 677 18.60 45.91 11.05
CA GLU A 677 19.08 47.09 11.71
C GLU A 677 20.14 46.70 12.71
N LEU A 678 19.92 45.56 13.33
CA LEU A 678 20.83 44.89 14.25
C LEU A 678 22.22 44.66 13.68
N THR A 679 22.31 44.48 12.38
CA THR A 679 23.57 44.16 11.72
C THR A 679 24.53 45.36 11.69
N TYR A 680 24.00 46.49 11.26
CA TYR A 680 24.73 47.75 11.29
C TYR A 680 25.12 48.01 12.72
N ARG A 681 24.14 47.84 13.60
CA ARG A 681 24.37 48.02 15.03
C ARG A 681 25.57 47.19 15.52
N ARG A 682 25.65 45.93 15.09
CA ARG A 682 26.64 44.98 15.55
C ARG A 682 28.02 45.38 15.12
N VAL A 683 28.13 45.76 13.85
CA VAL A 683 29.40 46.30 13.37
C VAL A 683 29.83 47.46 14.25
N VAL A 684 28.93 48.43 14.42
CA VAL A 684 29.21 49.58 15.25
C VAL A 684 29.65 49.21 16.67
N GLU A 685 29.03 48.21 17.28
CA GLU A 685 29.39 47.78 18.62
C GLU A 685 30.81 47.26 18.66
N SER A 686 31.16 46.39 17.72
CA SER A 686 32.54 45.89 17.67
C SER A 686 33.59 46.99 17.45
N TYR A 687 33.28 47.94 16.57
CA TYR A 687 34.09 49.13 16.39
C TYR A 687 34.28 49.87 17.73
N CYS A 688 33.20 50.06 18.47
CA CYS A 688 33.20 50.85 19.71
C CYS A 688 33.92 50.17 20.85
N ARG A 689 33.96 48.84 20.85
CA ARG A 689 34.72 48.17 21.90
C ARG A 689 36.21 48.15 21.56
N ALA A 690 36.51 48.13 20.26
CA ALA A 690 37.89 48.13 19.81
C ALA A 690 38.54 49.53 19.94
N LYS A 691 37.70 50.50 20.31
CA LYS A 691 38.09 51.90 20.44
C LYS A 691 38.38 52.56 19.09
N ARG A 692 37.72 52.08 18.04
CA ARG A 692 37.85 52.68 16.71
C ARG A 692 36.60 53.50 16.33
N PHE A 693 36.40 54.59 17.07
CA PHE A 693 35.20 55.41 16.96
C PHE A 693 35.14 56.21 15.65
N GLU A 694 36.28 56.80 15.29
CA GLU A 694 36.43 57.50 14.01
C GLU A 694 36.05 56.55 12.85
N GLU A 695 36.61 55.35 12.90
CA GLU A 695 36.25 54.28 11.97
C GLU A 695 34.74 54.01 11.89
N ALA A 696 34.08 53.77 13.02
CA ALA A 696 32.63 53.54 13.06
C ALA A 696 31.84 54.66 12.39
N ARG A 697 32.21 55.90 12.70
CA ARG A 697 31.58 57.06 12.07
C ARG A 697 31.76 56.98 10.57
N GLY A 698 32.96 56.58 10.15
CA GLY A 698 33.27 56.39 8.73
C GLY A 698 32.39 55.33 8.09
N PHE A 699 32.13 54.27 8.84
CA PHE A 699 31.29 53.18 8.40
C PHE A 699 29.87 53.68 8.21
N LEU A 700 29.43 54.57 9.10
CA LEU A 700 28.09 55.10 8.95
C LEU A 700 28.01 56.05 7.77
N SER A 701 29.14 56.66 7.43
CA SER A 701 29.19 57.59 6.32
C SER A 701 28.99 56.87 4.99
N GLU A 702 29.61 55.70 4.85
CA GLU A 702 29.51 54.91 3.63
C GLU A 702 28.15 54.21 3.56
N VAL A 703 27.90 53.30 4.50
CA VAL A 703 26.65 52.56 4.54
C VAL A 703 25.46 53.48 4.30
N LYS A 713 21.21 57.27 11.90
CA LYS A 713 21.34 58.38 12.86
C LYS A 713 21.37 57.90 14.33
N ALA A 714 20.56 56.88 14.63
CA ALA A 714 20.54 56.26 15.97
C ALA A 714 21.92 55.66 16.29
N LEU A 715 22.49 55.02 15.28
CA LEU A 715 23.83 54.47 15.37
C LEU A 715 24.89 55.55 15.69
N GLU A 716 24.77 56.70 15.04
CA GLU A 716 25.70 57.81 15.26
C GLU A 716 25.58 58.28 16.69
N ALA A 717 24.33 58.44 17.12
CA ALA A 717 23.99 58.91 18.44
C ALA A 717 24.57 57.97 19.49
N TYR A 718 24.48 56.67 19.19
CA TYR A 718 25.03 55.64 20.03
C TYR A 718 26.51 55.88 20.15
N ILE A 719 27.22 55.90 19.01
CA ILE A 719 28.66 56.11 18.99
C ILE A 719 29.10 57.29 19.85
N GLU A 720 28.36 58.39 19.71
CA GLU A 720 28.66 59.62 20.43
C GLU A 720 28.48 59.41 21.93
N ASP A 721 27.47 58.63 22.28
CA ASP A 721 27.22 58.26 23.66
C ASP A 721 28.37 57.42 24.21
N ALA A 722 28.81 56.44 23.42
CA ALA A 722 29.90 55.55 23.76
C ALA A 722 31.25 56.27 23.97
N GLN A 723 31.52 57.31 23.18
CA GLN A 723 32.79 58.02 23.30
C GLN A 723 32.79 59.09 24.41
N PHE A 724 31.68 59.81 24.56
CA PHE A 724 31.63 60.98 25.44
C PHE A 724 30.38 61.05 26.34
#